data_7PEP
#
_entry.id   7PEP
#
_cell.length_a   83.946
_cell.length_b   107.930
_cell.length_c   124.420
_cell.angle_alpha   90.000
_cell.angle_beta   90.000
_cell.angle_gamma   90.000
#
_symmetry.space_group_name_H-M   'P 21 21 21'
#
loop_
_entity.id
_entity.type
_entity.pdbx_description
1 polymer Beta-lactamase
2 non-polymer '(2R,4S)-2-[(1S,2R)-1-carboxy-2-hydroxypropyl]-4-[(2-{[(Z)-iminomethyl]amino}ethyl)sulfanyl]-3,4-dihydro-2H-pyrrole-5-ca rboxylic acid'
3 non-polymer 'BROMIDE ION'
4 non-polymer 1-BUTANOL
5 water water
#
_entity_poly.entity_id   1
_entity_poly.type   'polypeptide(L)'
_entity_poly.pdbx_seq_one_letter_code
;MHHHHHHSAGENLYFQGKEWQENKSWNAHFTEHKSQGVVVLWNENKQQGFTNNLKRANQAFLPASTF(KCX)IPNSLIAL
DLGVVKDEHQVFKWDGQTRDIATWNRDHNLITAMKYSVVPVYQEFARQIGEARMSKMLHAFDYGNEDISGNVDSFWLDGG
IRISATEQISFLRKLYHNKLHVSERSQRIVKQAMLTEANGDYIIRAKTGYSTRIEPKIGWWVGWVELDDNVWFFAMNMDM
PTSDGLGLRQAITKEVLKQEKIIP
;
_entity_poly.pdbx_strand_id   AAA,BBB,CCC,DDD
#
# COMPACT_ATOMS: atom_id res chain seq x y z
N GLY A 17 -39.77 20.32 3.09
CA GLY A 17 -38.93 20.61 1.88
C GLY A 17 -37.50 21.02 2.22
N LYS A 18 -37.12 21.03 3.51
CA LYS A 18 -35.78 21.42 4.03
C LYS A 18 -34.70 20.43 3.55
N GLU A 19 -33.64 20.93 2.91
CA GLU A 19 -32.73 20.14 2.04
C GLU A 19 -32.00 19.08 2.88
N TRP A 20 -31.34 19.46 3.97
CA TRP A 20 -30.49 18.56 4.79
C TRP A 20 -30.94 18.52 6.24
N GLN A 21 -31.20 17.34 6.78
CA GLN A 21 -31.53 17.18 8.23
C GLN A 21 -30.52 16.23 8.87
N GLU A 22 -30.14 16.55 10.09
CA GLU A 22 -29.27 15.69 10.92
C GLU A 22 -30.18 14.77 11.75
N ASN A 23 -29.88 13.48 11.78
CA ASN A 23 -30.60 12.48 12.60
C ASN A 23 -29.55 11.76 13.45
N LYS A 24 -29.29 12.30 14.62
CA LYS A 24 -28.25 11.76 15.53
C LYS A 24 -28.64 10.39 16.09
N SER A 25 -29.90 9.96 15.98
CA SER A 25 -30.34 8.63 16.48
C SER A 25 -29.54 7.53 15.77
N TRP A 26 -29.09 7.75 14.53
CA TRP A 26 -28.29 6.75 13.77
C TRP A 26 -26.95 6.48 14.48
N ASN A 27 -26.45 7.41 15.31
CA ASN A 27 -25.17 7.22 16.03
C ASN A 27 -25.28 5.97 16.93
N ALA A 28 -26.48 5.59 17.32
CA ALA A 28 -26.70 4.39 18.15
C ALA A 28 -26.16 3.15 17.40
N HIS A 29 -26.27 3.12 16.07
CA HIS A 29 -25.79 1.96 15.24
C HIS A 29 -24.27 1.97 15.23
N PHE A 30 -23.62 3.12 15.14
CA PHE A 30 -22.14 3.23 15.23
C PHE A 30 -21.68 2.78 16.63
N THR A 31 -22.33 3.27 17.66
CA THR A 31 -21.95 2.99 19.08
C THR A 31 -22.10 1.48 19.35
N GLU A 32 -23.20 0.87 18.93
CA GLU A 32 -23.48 -0.59 19.10
C GLU A 32 -22.29 -1.38 18.53
N HIS A 33 -21.67 -0.91 17.44
CA HIS A 33 -20.54 -1.61 16.77
C HIS A 33 -19.18 -1.01 17.15
N LYS A 34 -19.13 -0.19 18.20
CA LYS A 34 -17.87 0.43 18.71
C LYS A 34 -17.14 1.10 17.55
N SER A 35 -17.88 1.86 16.74
CA SER A 35 -17.40 2.42 15.46
C SER A 35 -17.67 3.91 15.42
N GLN A 36 -17.06 4.60 14.45
CA GLN A 36 -17.25 6.04 14.19
C GLN A 36 -17.43 6.20 12.68
N GLY A 37 -18.42 6.95 12.26
CA GLY A 37 -18.53 7.30 10.84
C GLY A 37 -19.81 8.01 10.53
N VAL A 38 -20.13 8.09 9.24
CA VAL A 38 -21.32 8.84 8.77
C VAL A 38 -22.07 7.95 7.77
N VAL A 39 -23.38 8.04 7.85
CA VAL A 39 -24.31 7.59 6.77
C VAL A 39 -25.03 8.81 6.24
N VAL A 40 -25.02 8.98 4.92
CA VAL A 40 -25.81 10.02 4.24
C VAL A 40 -26.86 9.32 3.35
N LEU A 41 -28.13 9.67 3.49
CA LEU A 41 -29.24 9.20 2.62
C LEU A 41 -29.80 10.39 1.84
N TRP A 42 -30.25 10.14 0.62
CA TRP A 42 -30.95 11.12 -0.22
C TRP A 42 -32.22 10.45 -0.76
N ASN A 43 -33.37 11.01 -0.40
CA ASN A 43 -34.72 10.60 -0.87
C ASN A 43 -34.93 11.31 -2.21
N GLU A 44 -34.89 10.60 -3.33
CA GLU A 44 -34.92 11.22 -4.67
C GLU A 44 -36.29 11.88 -4.90
N ASN A 45 -37.37 11.23 -4.50
CA ASN A 45 -38.74 11.77 -4.73
C ASN A 45 -38.88 13.10 -4.00
N LYS A 46 -38.46 13.17 -2.73
CA LYS A 46 -38.64 14.37 -1.85
C LYS A 46 -37.51 15.38 -2.04
N GLN A 47 -36.38 15.00 -2.68
CA GLN A 47 -35.20 15.87 -2.86
C GLN A 47 -34.73 16.36 -1.49
N GLN A 48 -34.65 15.44 -0.53
CA GLN A 48 -34.23 15.71 0.86
C GLN A 48 -33.14 14.72 1.27
N GLY A 49 -32.15 15.22 2.00
CA GLY A 49 -30.99 14.49 2.52
C GLY A 49 -31.09 14.33 4.01
N PHE A 50 -30.51 13.26 4.53
CA PHE A 50 -30.52 12.90 5.96
C PHE A 50 -29.14 12.34 6.30
N THR A 51 -28.56 12.69 7.44
CA THR A 51 -27.26 12.16 7.88
C THR A 51 -27.18 12.19 9.40
N ASN A 52 -26.36 11.33 9.98
CA ASN A 52 -26.15 11.35 11.45
C ASN A 52 -25.11 12.44 11.81
N ASN A 53 -24.42 13.03 10.83
CA ASN A 53 -23.26 13.91 11.12
C ASN A 53 -22.97 14.81 9.92
N LEU A 54 -23.58 15.99 9.90
CA LEU A 54 -23.48 16.96 8.78
C LEU A 54 -22.01 17.30 8.54
N LYS A 55 -21.21 17.45 9.59
CA LYS A 55 -19.76 17.79 9.42
C LYS A 55 -19.06 16.64 8.68
N ARG A 56 -19.13 15.42 9.21
CA ARG A 56 -18.37 14.29 8.56
C ARG A 56 -18.95 13.98 7.16
N ALA A 57 -20.24 14.24 6.93
CA ALA A 57 -20.91 14.04 5.62
C ALA A 57 -20.18 14.87 4.56
N ASN A 58 -19.56 15.99 4.96
CA ASN A 58 -18.93 16.94 4.01
C ASN A 58 -17.41 16.91 4.15
N GLN A 59 -16.87 15.96 4.90
CA GLN A 59 -15.40 15.75 4.97
C GLN A 59 -14.96 14.87 3.78
N ALA A 60 -13.87 15.23 3.14
CA ALA A 60 -13.41 14.57 1.89
C ALA A 60 -12.28 13.59 2.23
N PHE A 61 -12.36 12.42 1.65
CA PHE A 61 -11.38 11.32 1.81
C PHE A 61 -11.02 10.76 0.44
N LEU A 62 -9.92 10.03 0.39
CA LEU A 62 -9.54 9.24 -0.80
C LEU A 62 -10.72 8.33 -1.12
N PRO A 63 -11.11 8.25 -2.39
CA PRO A 63 -12.22 7.37 -2.80
C PRO A 63 -11.89 5.86 -2.73
N ALA A 64 -10.61 5.50 -2.84
CA ALA A 64 -10.13 4.10 -2.97
C ALA A 64 -11.04 3.39 -3.99
N SER A 65 -11.54 2.18 -3.69
CA SER A 65 -12.26 1.37 -4.71
C SER A 65 -13.60 2.00 -5.14
N THR A 66 -14.12 3.02 -4.45
CA THR A 66 -15.36 3.69 -4.93
C THR A 66 -14.99 4.39 -6.24
N PHE A 67 -13.70 4.61 -6.48
CA PHE A 67 -13.23 5.22 -7.75
C PHE A 67 -13.45 4.28 -8.93
N ILE A 69 -16.18 3.22 -9.89
CA ILE A 69 -17.35 3.67 -10.63
C ILE A 69 -16.92 4.62 -11.76
N PRO A 70 -16.33 5.81 -11.50
CA PRO A 70 -15.94 6.68 -12.60
C PRO A 70 -14.89 6.05 -13.53
N ASN A 71 -13.97 5.28 -12.99
CA ASN A 71 -12.89 4.61 -13.79
C ASN A 71 -13.55 3.69 -14.83
N SER A 72 -14.52 2.88 -14.40
CA SER A 72 -15.30 1.99 -15.31
C SER A 72 -15.93 2.83 -16.41
N LEU A 73 -16.60 3.92 -16.03
CA LEU A 73 -17.32 4.76 -17.01
C LEU A 73 -16.36 5.26 -18.07
N ILE A 74 -15.20 5.75 -17.63
CA ILE A 74 -14.21 6.39 -18.54
C ILE A 74 -13.60 5.31 -19.43
N ALA A 75 -13.25 4.16 -18.86
CA ALA A 75 -12.66 3.01 -19.60
C ALA A 75 -13.64 2.57 -20.71
N LEU A 76 -14.94 2.42 -20.39
CA LEU A 76 -15.97 2.03 -21.38
C LEU A 76 -16.10 3.10 -22.44
N ASP A 77 -16.16 4.36 -22.03
CA ASP A 77 -16.52 5.44 -22.99
C ASP A 77 -15.39 5.62 -24.00
N LEU A 78 -14.15 5.35 -23.60
CA LEU A 78 -12.95 5.51 -24.46
C LEU A 78 -12.61 4.21 -25.22
N GLY A 79 -13.33 3.11 -24.95
CA GLY A 79 -13.11 1.82 -25.65
C GLY A 79 -11.94 1.04 -25.08
N VAL A 80 -11.42 1.45 -23.94
CA VAL A 80 -10.41 0.66 -23.17
C VAL A 80 -11.05 -0.65 -22.72
N VAL A 81 -12.31 -0.58 -22.30
CA VAL A 81 -13.16 -1.78 -22.04
C VAL A 81 -14.23 -1.83 -23.15
N LYS A 82 -14.23 -2.89 -23.94
CA LYS A 82 -15.19 -3.04 -25.08
CA LYS A 82 -15.19 -3.03 -25.08
C LYS A 82 -16.60 -3.27 -24.52
N ASP A 83 -16.72 -4.14 -23.53
CA ASP A 83 -18.03 -4.51 -22.94
C ASP A 83 -17.74 -5.26 -21.64
N GLU A 84 -18.80 -5.69 -20.98
CA GLU A 84 -18.73 -6.33 -19.63
C GLU A 84 -18.29 -7.79 -19.73
N HIS A 85 -18.02 -8.31 -20.93
CA HIS A 85 -17.59 -9.72 -21.17
C HIS A 85 -16.08 -9.82 -21.42
N GLN A 86 -15.48 -8.73 -21.90
CA GLN A 86 -14.03 -8.70 -22.22
C GLN A 86 -13.23 -9.17 -21.01
N VAL A 87 -12.32 -10.11 -21.24
CA VAL A 87 -11.52 -10.77 -20.19
C VAL A 87 -10.22 -9.97 -20.04
N PHE A 88 -9.88 -9.64 -18.79
CA PHE A 88 -8.61 -8.99 -18.41
C PHE A 88 -7.80 -10.08 -17.70
N LYS A 89 -6.77 -10.55 -18.42
CA LYS A 89 -5.95 -11.71 -18.01
C LYS A 89 -5.13 -11.30 -16.79
N TRP A 90 -5.12 -12.14 -15.76
CA TRP A 90 -4.22 -11.99 -14.60
C TRP A 90 -2.78 -11.82 -15.13
N ASP A 91 -2.02 -10.86 -14.59
CA ASP A 91 -0.63 -10.57 -15.04
C ASP A 91 0.35 -11.63 -14.48
N GLY A 92 -0.13 -12.56 -13.66
CA GLY A 92 0.66 -13.70 -13.14
C GLY A 92 1.47 -13.35 -11.91
N GLN A 93 1.25 -12.16 -11.33
CA GLN A 93 1.90 -11.70 -10.07
C GLN A 93 0.96 -12.04 -8.91
N THR A 94 1.39 -12.92 -8.02
CA THR A 94 0.58 -13.35 -6.86
C THR A 94 0.42 -12.16 -5.91
N ARG A 95 -0.83 -11.80 -5.61
CA ARG A 95 -1.14 -10.75 -4.61
C ARG A 95 -1.88 -11.41 -3.45
N ASP A 96 -2.14 -10.68 -2.38
CA ASP A 96 -2.56 -11.33 -1.11
C ASP A 96 -4.10 -11.49 -1.09
N ILE A 97 -4.84 -10.94 -2.06
CA ILE A 97 -6.30 -11.21 -2.20
C ILE A 97 -6.44 -12.31 -3.24
N ALA A 98 -6.79 -13.54 -2.83
CA ALA A 98 -6.85 -14.73 -3.72
C ALA A 98 -7.69 -14.42 -4.98
N THR A 99 -8.85 -13.76 -4.82
CA THR A 99 -9.77 -13.47 -5.95
C THR A 99 -9.10 -12.56 -6.99
N TRP A 100 -8.01 -11.89 -6.68
CA TRP A 100 -7.29 -11.01 -7.65
C TRP A 100 -6.37 -11.83 -8.55
N ASN A 101 -5.99 -13.04 -8.14
CA ASN A 101 -5.01 -13.89 -8.85
C ASN A 101 -5.72 -14.78 -9.87
N ARG A 102 -6.47 -14.17 -10.78
CA ARG A 102 -7.28 -14.89 -11.80
CA ARG A 102 -7.28 -14.89 -11.80
C ARG A 102 -7.76 -13.86 -12.84
N ASP A 103 -8.30 -14.37 -13.95
CA ASP A 103 -8.90 -13.55 -15.02
C ASP A 103 -10.19 -12.91 -14.48
N HIS A 104 -10.52 -11.76 -15.02
CA HIS A 104 -11.72 -10.99 -14.63
C HIS A 104 -12.34 -10.34 -15.86
N ASN A 105 -13.64 -10.07 -15.78
CA ASN A 105 -14.32 -9.12 -16.69
C ASN A 105 -14.76 -7.93 -15.81
N LEU A 106 -15.44 -6.96 -16.40
CA LEU A 106 -15.85 -5.74 -15.65
C LEU A 106 -16.71 -6.13 -14.45
N ILE A 107 -17.59 -7.11 -14.61
CA ILE A 107 -18.54 -7.50 -13.55
C ILE A 107 -17.77 -8.03 -12.34
N THR A 108 -16.89 -9.00 -12.56
CA THR A 108 -16.16 -9.68 -11.46
C THR A 108 -15.08 -8.72 -10.93
N ALA A 109 -14.46 -7.90 -11.79
CA ALA A 109 -13.40 -6.95 -11.34
C ALA A 109 -14.05 -5.94 -10.38
N MET A 110 -15.26 -5.47 -10.67
CA MET A 110 -15.96 -4.54 -9.74
CA MET A 110 -15.97 -4.54 -9.74
C MET A 110 -16.30 -5.30 -8.45
N LYS A 111 -16.90 -6.48 -8.59
CA LYS A 111 -17.38 -7.30 -7.44
C LYS A 111 -16.24 -7.56 -6.45
N TYR A 112 -15.06 -7.92 -6.95
CA TYR A 112 -13.91 -8.32 -6.10
C TYR A 112 -12.93 -7.14 -5.92
N SER A 113 -13.27 -5.93 -6.40
CA SER A 113 -12.46 -4.70 -6.23
C SER A 113 -11.05 -5.02 -6.71
N VAL A 114 -10.90 -5.44 -7.96
CA VAL A 114 -9.61 -5.98 -8.45
C VAL A 114 -8.74 -4.81 -8.91
N VAL A 115 -7.97 -4.26 -7.98
CA VAL A 115 -7.17 -3.01 -8.19
C VAL A 115 -6.31 -3.14 -9.44
N PRO A 116 -5.53 -4.23 -9.62
CA PRO A 116 -4.57 -4.30 -10.73
C PRO A 116 -5.24 -4.15 -12.10
N VAL A 117 -6.45 -4.66 -12.28
CA VAL A 117 -7.22 -4.49 -13.54
C VAL A 117 -7.47 -3.00 -13.78
N TYR A 118 -7.93 -2.30 -12.74
CA TYR A 118 -8.30 -0.87 -12.82
C TYR A 118 -7.03 0.01 -12.97
N GLN A 119 -5.92 -0.44 -12.40
CA GLN A 119 -4.62 0.28 -12.61
C GLN A 119 -4.27 0.23 -14.09
N GLU A 120 -4.50 -0.91 -14.75
CA GLU A 120 -4.19 -1.07 -16.19
C GLU A 120 -5.13 -0.16 -16.99
N PHE A 121 -6.44 -0.14 -16.66
CA PHE A 121 -7.40 0.80 -17.30
C PHE A 121 -6.84 2.23 -17.22
N ALA A 122 -6.43 2.62 -16.03
CA ALA A 122 -5.99 4.01 -15.73
C ALA A 122 -4.77 4.36 -16.60
N ARG A 123 -3.81 3.43 -16.71
CA ARG A 123 -2.60 3.61 -17.56
C ARG A 123 -3.03 3.83 -19.01
N GLN A 124 -3.99 3.05 -19.52
CA GLN A 124 -4.46 3.20 -20.92
C GLN A 124 -5.28 4.48 -21.06
N ILE A 125 -6.06 4.87 -20.07
CA ILE A 125 -6.83 6.14 -20.16
C ILE A 125 -5.83 7.30 -20.25
N GLY A 126 -4.85 7.33 -19.34
CA GLY A 126 -3.78 8.34 -19.29
C GLY A 126 -4.24 9.65 -18.62
N GLU A 127 -3.28 10.46 -18.15
CA GLU A 127 -3.52 11.65 -17.28
C GLU A 127 -4.48 12.63 -17.94
N ALA A 128 -4.23 13.03 -19.18
CA ALA A 128 -4.99 14.10 -19.84
C ALA A 128 -6.48 13.73 -19.85
N ARG A 129 -6.80 12.49 -20.26
CA ARG A 129 -8.21 12.08 -20.47
C ARG A 129 -8.85 11.84 -19.10
N MET A 130 -8.11 11.28 -18.14
CA MET A 130 -8.63 11.03 -16.77
C MET A 130 -9.05 12.38 -16.15
N SER A 131 -8.20 13.39 -16.27
CA SER A 131 -8.40 14.73 -15.70
C SER A 131 -9.62 15.40 -16.34
N LYS A 132 -9.66 15.45 -17.66
CA LYS A 132 -10.82 16.02 -18.42
C LYS A 132 -12.13 15.35 -17.94
N MET A 133 -12.14 14.03 -17.81
CA MET A 133 -13.41 13.29 -17.52
C MET A 133 -13.85 13.61 -16.08
N LEU A 134 -12.92 13.65 -15.13
CA LEU A 134 -13.32 13.91 -13.71
C LEU A 134 -13.83 15.35 -13.59
N HIS A 135 -13.29 16.30 -14.37
CA HIS A 135 -13.83 17.68 -14.39
C HIS A 135 -15.25 17.64 -14.95
N ALA A 136 -15.46 16.97 -16.09
CA ALA A 136 -16.79 16.84 -16.73
C ALA A 136 -17.78 16.20 -15.75
N PHE A 137 -17.32 15.26 -14.93
CA PHE A 137 -18.17 14.56 -13.92
C PHE A 137 -18.39 15.40 -12.65
N ASP A 138 -17.66 16.51 -12.47
CA ASP A 138 -17.72 17.35 -11.25
C ASP A 138 -17.37 16.43 -10.06
N TYR A 139 -16.42 15.51 -10.27
CA TYR A 139 -16.12 14.41 -9.32
C TYR A 139 -15.16 14.88 -8.23
N GLY A 140 -15.65 14.96 -6.98
CA GLY A 140 -14.85 15.32 -5.80
C GLY A 140 -14.07 16.58 -6.03
N ASN A 141 -12.79 16.60 -5.66
CA ASN A 141 -11.95 17.81 -5.85
C ASN A 141 -11.33 17.79 -7.27
N GLU A 142 -11.64 16.79 -8.09
CA GLU A 142 -11.24 16.72 -9.53
C GLU A 142 -9.72 16.70 -9.68
N ASP A 143 -8.97 16.34 -8.63
CA ASP A 143 -7.49 16.44 -8.57
C ASP A 143 -6.89 15.04 -8.75
N ILE A 144 -6.23 14.80 -9.89
CA ILE A 144 -5.60 13.46 -10.17
C ILE A 144 -4.08 13.51 -9.88
N SER A 145 -3.59 14.54 -9.18
CA SER A 145 -2.13 14.67 -8.90
C SER A 145 -1.66 13.36 -8.24
N GLY A 146 -0.47 12.92 -8.64
CA GLY A 146 0.10 11.63 -8.26
C GLY A 146 0.23 10.74 -9.49
N ASN A 147 0.31 9.43 -9.28
CA ASN A 147 0.48 8.47 -10.39
C ASN A 147 -0.89 8.21 -11.00
N VAL A 148 -0.95 8.20 -12.34
CA VAL A 148 -2.24 7.96 -13.06
C VAL A 148 -2.82 6.60 -12.66
N ASP A 149 -2.01 5.66 -12.20
CA ASP A 149 -2.53 4.32 -11.85
C ASP A 149 -2.72 4.13 -10.36
N SER A 150 -2.57 5.17 -9.52
CA SER A 150 -2.75 4.98 -8.05
CA SER A 150 -2.73 4.99 -8.05
C SER A 150 -3.30 6.25 -7.36
N PHE A 151 -3.67 7.29 -8.10
CA PHE A 151 -4.03 8.60 -7.48
C PHE A 151 -5.25 8.45 -6.56
N TRP A 152 -6.15 7.50 -6.82
CA TRP A 152 -7.37 7.26 -6.01
C TRP A 152 -7.02 6.51 -4.74
N LEU A 153 -5.77 6.05 -4.62
CA LEU A 153 -5.29 5.30 -3.44
C LEU A 153 -4.30 6.15 -2.61
N ASP A 154 -3.47 6.98 -3.23
CA ASP A 154 -2.49 7.77 -2.47
C ASP A 154 -2.08 9.07 -3.18
N GLY A 155 -2.90 9.55 -4.11
CA GLY A 155 -2.68 10.82 -4.81
C GLY A 155 -3.58 11.92 -4.21
N GLY A 156 -3.94 12.89 -5.03
CA GLY A 156 -4.58 14.14 -4.60
C GLY A 156 -6.10 14.09 -4.57
N ILE A 157 -6.73 13.07 -5.18
CA ILE A 157 -8.21 13.04 -5.34
C ILE A 157 -8.85 12.87 -3.96
N ARG A 158 -9.87 13.67 -3.68
CA ARG A 158 -10.66 13.58 -2.42
C ARG A 158 -12.13 13.79 -2.77
N ILE A 159 -12.99 13.12 -2.03
CA ILE A 159 -14.46 13.20 -2.22
C ILE A 159 -15.13 12.96 -0.88
N SER A 160 -16.17 13.75 -0.63
CA SER A 160 -17.02 13.61 0.57
C SER A 160 -18.18 12.66 0.27
N ALA A 161 -18.85 12.18 1.32
CA ALA A 161 -20.08 11.40 1.19
C ALA A 161 -21.14 12.17 0.40
N THR A 162 -21.34 13.48 0.65
CA THR A 162 -22.37 14.27 -0.08
C THR A 162 -21.98 14.40 -1.54
N GLU A 163 -20.70 14.55 -1.84
CA GLU A 163 -20.22 14.61 -3.24
C GLU A 163 -20.41 13.26 -3.95
N GLN A 164 -20.29 12.13 -3.25
CA GLN A 164 -20.54 10.78 -3.79
C GLN A 164 -22.01 10.72 -4.23
N ILE A 165 -22.92 11.22 -3.39
CA ILE A 165 -24.38 11.22 -3.70
C ILE A 165 -24.62 12.07 -4.95
N SER A 166 -24.01 13.23 -5.06
CA SER A 166 -24.21 14.15 -6.21
CA SER A 166 -24.21 14.14 -6.21
C SER A 166 -23.81 13.42 -7.50
N PHE A 167 -22.66 12.76 -7.46
CA PHE A 167 -22.13 12.00 -8.62
C PHE A 167 -23.06 10.83 -8.95
N LEU A 168 -23.49 10.06 -7.94
CA LEU A 168 -24.34 8.87 -8.16
C LEU A 168 -25.70 9.29 -8.74
N ARG A 169 -26.27 10.43 -8.31
CA ARG A 169 -27.56 10.86 -8.87
C ARG A 169 -27.40 11.12 -10.38
N LYS A 170 -26.30 11.71 -10.80
CA LYS A 170 -26.07 11.94 -12.25
C LYS A 170 -26.01 10.59 -12.97
N LEU A 171 -25.29 9.64 -12.42
CA LEU A 171 -25.15 8.28 -13.03
C LEU A 171 -26.52 7.62 -13.13
N TYR A 172 -27.31 7.66 -12.05
CA TYR A 172 -28.66 7.04 -12.02
C TYR A 172 -29.52 7.57 -13.17
N HIS A 173 -29.45 8.88 -13.44
CA HIS A 173 -30.27 9.59 -14.44
C HIS A 173 -29.59 9.63 -15.81
N ASN A 174 -28.48 8.92 -16.03
CA ASN A 174 -27.72 8.92 -17.32
C ASN A 174 -27.32 10.34 -17.70
N LYS A 175 -26.99 11.20 -16.74
CA LYS A 175 -26.67 12.62 -17.01
C LYS A 175 -25.17 12.87 -17.04
N LEU A 176 -24.32 11.88 -16.79
CA LEU A 176 -22.85 12.10 -16.88
C LEU A 176 -22.47 12.27 -18.35
N HIS A 177 -21.35 12.94 -18.63
CA HIS A 177 -20.88 13.24 -20.00
C HIS A 177 -20.12 12.02 -20.58
N VAL A 178 -20.80 10.88 -20.66
CA VAL A 178 -20.37 9.65 -21.38
C VAL A 178 -21.65 9.09 -21.98
N SER A 179 -21.53 8.08 -22.85
CA SER A 179 -22.67 7.49 -23.58
C SER A 179 -23.69 6.94 -22.56
N GLU A 180 -24.96 6.88 -22.93
CA GLU A 180 -25.97 6.12 -22.15
C GLU A 180 -25.48 4.67 -21.94
N ARG A 181 -24.98 4.03 -22.99
CA ARG A 181 -24.49 2.62 -22.93
C ARG A 181 -23.46 2.47 -21.80
N SER A 182 -22.45 3.35 -21.72
CA SER A 182 -21.40 3.30 -20.67
C SER A 182 -22.08 3.33 -19.29
N GLN A 183 -23.05 4.21 -19.12
CA GLN A 183 -23.75 4.39 -17.82
C GLN A 183 -24.55 3.14 -17.50
N ARG A 184 -25.27 2.56 -18.48
CA ARG A 184 -26.05 1.31 -18.26
C ARG A 184 -25.12 0.16 -17.86
N ILE A 185 -23.98 0.01 -18.52
CA ILE A 185 -23.04 -1.11 -18.23
C ILE A 185 -22.49 -0.95 -16.80
N VAL A 186 -22.09 0.27 -16.40
CA VAL A 186 -21.53 0.47 -15.04
C VAL A 186 -22.63 0.19 -13.99
N LYS A 187 -23.86 0.62 -14.25
CA LYS A 187 -24.96 0.37 -13.28
C LYS A 187 -25.22 -1.13 -13.19
N GLN A 188 -25.09 -1.86 -14.28
CA GLN A 188 -25.17 -3.35 -14.24
C GLN A 188 -24.01 -3.86 -13.38
N ALA A 189 -22.78 -3.40 -13.64
CA ALA A 189 -21.60 -3.85 -12.87
C ALA A 189 -21.73 -3.50 -11.37
N MET A 190 -22.50 -2.47 -11.00
CA MET A 190 -22.67 -2.08 -9.58
C MET A 190 -23.65 -3.00 -8.84
N LEU A 191 -24.41 -3.83 -9.55
CA LEU A 191 -25.45 -4.67 -8.91
C LEU A 191 -24.82 -5.46 -7.78
N THR A 192 -25.40 -5.36 -6.60
CA THR A 192 -24.84 -5.96 -5.37
C THR A 192 -25.87 -6.91 -4.76
N GLU A 193 -27.12 -6.50 -4.71
CA GLU A 193 -28.17 -7.27 -4.00
C GLU A 193 -29.52 -6.96 -4.61
N ALA A 194 -30.40 -7.95 -4.73
CA ALA A 194 -31.78 -7.73 -5.20
C ALA A 194 -32.69 -8.81 -4.66
N ASN A 195 -33.94 -8.42 -4.40
CA ASN A 195 -35.04 -9.36 -4.08
C ASN A 195 -36.35 -8.69 -4.50
N GLY A 196 -37.48 -9.20 -4.04
CA GLY A 196 -38.80 -8.65 -4.38
C GLY A 196 -39.10 -7.30 -3.70
N ASP A 197 -38.27 -6.87 -2.74
CA ASP A 197 -38.48 -5.60 -1.97
C ASP A 197 -37.54 -4.49 -2.45
N TYR A 198 -36.31 -4.80 -2.89
CA TYR A 198 -35.37 -3.72 -3.27
C TYR A 198 -34.25 -4.24 -4.17
N ILE A 199 -33.56 -3.30 -4.81
CA ILE A 199 -32.32 -3.53 -5.57
C ILE A 199 -31.26 -2.58 -5.01
N ILE A 200 -30.09 -3.07 -4.67
CA ILE A 200 -28.91 -2.25 -4.27
C ILE A 200 -27.89 -2.31 -5.39
N ARG A 201 -27.57 -1.13 -5.95
CA ARG A 201 -26.38 -0.95 -6.80
C ARG A 201 -25.39 -0.11 -6.00
N ALA A 202 -24.17 -0.60 -5.85
CA ALA A 202 -23.22 0.01 -4.89
C ALA A 202 -21.79 -0.42 -5.17
N LYS A 203 -20.86 0.24 -4.48
CA LYS A 203 -19.43 -0.08 -4.53
C LYS A 203 -18.81 0.17 -3.16
N THR A 204 -18.08 -0.84 -2.65
CA THR A 204 -17.28 -0.77 -1.43
C THR A 204 -15.94 -0.08 -1.71
N GLY A 205 -15.29 0.43 -0.66
CA GLY A 205 -13.90 0.90 -0.73
C GLY A 205 -13.25 0.77 0.62
N TYR A 206 -11.93 0.67 0.64
CA TYR A 206 -11.10 0.65 1.88
C TYR A 206 -9.85 1.46 1.59
N SER A 207 -9.78 2.68 2.12
CA SER A 207 -8.64 3.61 1.95
C SER A 207 -7.65 3.32 3.09
N THR A 208 -6.45 2.80 2.78
CA THR A 208 -5.45 2.44 3.82
C THR A 208 -4.13 3.23 3.68
N ARG A 209 -3.86 3.91 2.58
CA ARG A 209 -2.47 4.39 2.28
C ARG A 209 -2.17 5.74 2.95
N ILE A 210 -3.19 6.52 3.29
CA ILE A 210 -3.08 7.83 4.01
C ILE A 210 -4.12 7.82 5.13
N GLU A 211 -3.82 8.42 6.27
CA GLU A 211 -4.74 8.43 7.43
C GLU A 211 -5.84 9.46 7.16
N PRO A 212 -7.03 9.32 7.76
CA PRO A 212 -7.40 8.15 8.56
C PRO A 212 -7.85 7.01 7.63
N LYS A 213 -7.55 5.78 8.02
CA LYS A 213 -7.97 4.59 7.24
C LYS A 213 -9.50 4.54 7.36
N ILE A 214 -10.19 4.48 6.23
CA ILE A 214 -11.68 4.47 6.25
C ILE A 214 -12.21 3.41 5.30
N GLY A 215 -13.39 2.90 5.65
CA GLY A 215 -14.26 2.11 4.77
C GLY A 215 -15.34 2.96 4.17
N TRP A 216 -15.69 2.68 2.90
CA TRP A 216 -16.75 3.31 2.12
C TRP A 216 -17.78 2.25 1.72
N TRP A 217 -19.04 2.67 1.63
CA TRP A 217 -20.09 2.02 0.81
C TRP A 217 -20.98 3.10 0.23
N VAL A 218 -21.02 3.19 -1.09
CA VAL A 218 -21.79 4.26 -1.79
C VAL A 218 -22.63 3.59 -2.89
N GLY A 219 -23.82 4.12 -3.11
CA GLY A 219 -24.71 3.58 -4.15
C GLY A 219 -26.13 4.03 -3.93
N TRP A 220 -27.09 3.15 -4.22
CA TRP A 220 -28.52 3.48 -4.01
C TRP A 220 -29.37 2.22 -3.89
N VAL A 221 -30.54 2.43 -3.30
CA VAL A 221 -31.60 1.42 -3.12
C VAL A 221 -32.75 1.81 -4.05
N GLU A 222 -33.01 0.97 -5.06
CA GLU A 222 -34.16 1.13 -5.96
C GLU A 222 -35.37 0.44 -5.32
N LEU A 223 -36.44 1.19 -5.11
CA LEU A 223 -37.77 0.67 -4.70
C LEU A 223 -38.69 0.76 -5.92
N ASP A 224 -39.90 0.20 -5.79
CA ASP A 224 -40.92 0.30 -6.87
C ASP A 224 -41.17 1.76 -7.26
N ASP A 225 -41.23 2.68 -6.28
CA ASP A 225 -41.77 4.05 -6.48
C ASP A 225 -40.79 5.15 -6.02
N ASN A 226 -39.55 4.81 -5.67
CA ASN A 226 -38.56 5.80 -5.16
C ASN A 226 -37.16 5.22 -5.32
N VAL A 227 -36.16 6.10 -5.23
CA VAL A 227 -34.73 5.73 -5.14
C VAL A 227 -34.15 6.43 -3.92
N TRP A 228 -33.46 5.69 -3.06
CA TRP A 228 -32.72 6.24 -1.92
C TRP A 228 -31.23 6.10 -2.21
N PHE A 229 -30.54 7.22 -2.45
CA PHE A 229 -29.07 7.25 -2.59
C PHE A 229 -28.47 7.18 -1.21
N PHE A 230 -27.31 6.52 -1.10
CA PHE A 230 -26.56 6.47 0.15
C PHE A 230 -25.07 6.60 -0.13
N ALA A 231 -24.38 7.13 0.88
CA ALA A 231 -22.91 7.17 0.96
C ALA A 231 -22.55 7.14 2.44
N MET A 232 -21.76 6.15 2.81
CA MET A 232 -21.27 5.99 4.18
C MET A 232 -19.75 5.86 4.13
N ASN A 233 -19.09 6.42 5.14
CA ASN A 233 -17.70 6.06 5.45
C ASN A 233 -17.56 5.95 6.95
N MET A 234 -16.57 5.19 7.38
CA MET A 234 -16.35 4.88 8.82
C MET A 234 -14.88 4.60 9.03
N ASP A 235 -14.40 4.92 10.23
CA ASP A 235 -13.01 4.61 10.63
C ASP A 235 -12.84 3.10 10.54
N MET A 236 -11.74 2.68 9.91
CA MET A 236 -11.45 1.26 9.62
C MET A 236 -9.98 1.01 9.93
N PRO A 237 -9.58 0.96 11.21
CA PRO A 237 -8.16 0.85 11.55
C PRO A 237 -7.59 -0.50 11.07
N THR A 238 -8.40 -1.56 11.02
CA THR A 238 -8.03 -2.89 10.47
C THR A 238 -9.15 -3.39 9.57
N SER A 239 -8.84 -4.39 8.76
CA SER A 239 -9.78 -5.07 7.84
C SER A 239 -10.85 -5.85 8.61
N ASP A 240 -10.69 -6.08 9.92
CA ASP A 240 -11.64 -6.88 10.73
C ASP A 240 -13.06 -6.31 10.67
N GLY A 241 -13.21 -4.98 10.53
CA GLY A 241 -14.54 -4.35 10.61
C GLY A 241 -15.19 -4.11 9.25
N LEU A 242 -14.64 -4.65 8.16
CA LEU A 242 -15.11 -4.25 6.81
C LEU A 242 -16.59 -4.59 6.62
N GLY A 243 -17.07 -5.67 7.25
CA GLY A 243 -18.49 -6.08 7.16
C GLY A 243 -19.41 -5.03 7.77
N LEU A 244 -18.89 -4.15 8.65
CA LEU A 244 -19.71 -3.10 9.29
C LEU A 244 -20.14 -2.05 8.25
N ARG A 245 -19.44 -1.91 7.12
CA ARG A 245 -19.87 -0.90 6.12
C ARG A 245 -21.32 -1.19 5.68
N GLN A 246 -21.59 -2.43 5.29
CA GLN A 246 -22.95 -2.88 4.86
C GLN A 246 -23.84 -2.99 6.08
N ALA A 247 -23.36 -3.55 7.19
CA ALA A 247 -24.25 -3.85 8.35
C ALA A 247 -24.81 -2.54 8.92
N ILE A 248 -23.98 -1.52 9.12
CA ILE A 248 -24.42 -0.22 9.68
C ILE A 248 -25.36 0.46 8.67
N THR A 249 -25.01 0.49 7.40
CA THR A 249 -25.91 1.09 6.38
C THR A 249 -27.30 0.41 6.45
N LYS A 250 -27.34 -0.91 6.52
CA LYS A 250 -28.63 -1.66 6.54
C LYS A 250 -29.39 -1.36 7.84
N GLU A 251 -28.68 -1.16 8.96
CA GLU A 251 -29.34 -0.81 10.25
C GLU A 251 -30.08 0.53 10.07
N VAL A 252 -29.47 1.49 9.37
CA VAL A 252 -30.09 2.82 9.12
C VAL A 252 -31.24 2.65 8.12
N LEU A 253 -31.03 1.94 7.03
CA LEU A 253 -32.09 1.72 6.01
C LEU A 253 -33.30 1.06 6.70
N LYS A 254 -33.08 0.12 7.60
CA LYS A 254 -34.20 -0.58 8.29
C LYS A 254 -34.90 0.35 9.27
N GLN A 255 -34.14 1.11 10.06
CA GLN A 255 -34.70 2.10 11.00
C GLN A 255 -35.60 3.06 10.22
N GLU A 256 -35.19 3.51 9.03
CA GLU A 256 -35.98 4.49 8.22
C GLU A 256 -37.09 3.79 7.42
N LYS A 257 -37.26 2.46 7.56
CA LYS A 257 -38.29 1.64 6.87
C LYS A 257 -38.10 1.69 5.34
N ILE A 258 -36.87 1.86 4.87
CA ILE A 258 -36.57 1.90 3.41
C ILE A 258 -36.54 0.46 2.89
N ILE A 259 -35.98 -0.45 3.69
CA ILE A 259 -36.02 -1.90 3.43
C ILE A 259 -36.60 -2.56 4.68
N PRO A 260 -37.30 -3.70 4.54
CA PRO A 260 -37.68 -4.52 5.70
C PRO A 260 -36.49 -5.23 6.34
N GLY B 17 39.23 -22.52 -0.18
CA GLY B 17 39.37 -21.81 -1.49
C GLY B 17 38.02 -21.51 -2.14
N LYS B 18 36.98 -22.28 -1.81
CA LYS B 18 35.64 -22.33 -2.45
C LYS B 18 34.91 -20.97 -2.32
N GLU B 19 34.47 -20.40 -3.44
CA GLU B 19 33.86 -19.04 -3.51
C GLU B 19 32.58 -19.00 -2.67
N TRP B 20 31.64 -19.94 -2.88
CA TRP B 20 30.35 -19.99 -2.14
C TRP B 20 30.18 -21.30 -1.39
N GLN B 21 29.91 -21.26 -0.09
CA GLN B 21 29.65 -22.48 0.72
C GLN B 21 28.27 -22.36 1.37
N GLU B 22 27.53 -23.45 1.38
CA GLU B 22 26.22 -23.53 2.02
C GLU B 22 26.43 -24.02 3.46
N ASN B 23 25.80 -23.36 4.42
CA ASN B 23 25.84 -23.75 5.85
C ASN B 23 24.40 -23.85 6.33
N LYS B 24 23.81 -25.03 6.21
CA LYS B 24 22.39 -25.26 6.53
C LYS B 24 22.18 -25.20 8.05
N SER B 25 23.23 -25.22 8.88
CA SER B 25 23.08 -25.12 10.35
C SER B 25 22.38 -23.80 10.72
N TRP B 26 22.55 -22.74 9.91
CA TRP B 26 21.89 -21.43 10.17
C TRP B 26 20.38 -21.55 10.13
N ASN B 27 19.83 -22.57 9.46
CA ASN B 27 18.35 -22.76 9.38
C ASN B 27 17.79 -22.93 10.79
N ALA B 28 18.60 -23.38 11.73
CA ALA B 28 18.17 -23.58 13.13
C ALA B 28 17.73 -22.21 13.72
N HIS B 29 18.35 -21.10 13.30
CA HIS B 29 17.99 -19.74 13.78
C HIS B 29 16.64 -19.33 13.18
N PHE B 30 16.38 -19.65 11.91
CA PHE B 30 15.04 -19.41 11.31
C PHE B 30 13.99 -20.28 12.03
N THR B 31 14.26 -21.56 12.22
CA THR B 31 13.33 -22.55 12.79
C THR B 31 12.97 -22.15 14.23
N GLU B 32 13.96 -21.75 15.03
CA GLU B 32 13.79 -21.27 16.43
C GLU B 32 12.72 -20.18 16.45
N HIS B 33 12.67 -19.32 15.42
CA HIS B 33 11.76 -18.16 15.33
C HIS B 33 10.57 -18.46 14.41
N LYS B 34 10.31 -19.73 14.10
CA LYS B 34 9.17 -20.17 13.26
C LYS B 34 9.16 -19.34 11.97
N SER B 35 10.32 -19.20 11.33
CA SER B 35 10.53 -18.30 10.19
C SER B 35 11.17 -19.07 9.03
N GLN B 36 11.22 -18.46 7.85
CA GLN B 36 11.91 -18.96 6.64
C GLN B 36 12.67 -17.78 6.05
N GLY B 37 13.91 -17.98 5.63
CA GLY B 37 14.59 -16.96 4.82
C GLY B 37 16.03 -17.33 4.57
N VAL B 38 16.82 -16.35 4.14
CA VAL B 38 18.24 -16.57 3.79
C VAL B 38 19.08 -15.48 4.46
N VAL B 39 20.24 -15.88 4.93
CA VAL B 39 21.35 -14.96 5.30
C VAL B 39 22.49 -15.26 4.35
N VAL B 40 23.04 -14.22 3.73
CA VAL B 40 24.28 -14.30 2.93
C VAL B 40 25.35 -13.46 3.62
N LEU B 41 26.52 -14.05 3.91
CA LEU B 41 27.72 -13.36 4.42
C LEU B 41 28.82 -13.41 3.37
N TRP B 42 29.59 -12.34 3.27
CA TRP B 42 30.79 -12.28 2.41
C TRP B 42 31.95 -11.79 3.27
N ASN B 43 32.98 -12.63 3.41
CA ASN B 43 34.24 -12.33 4.10
C ASN B 43 35.13 -11.59 3.10
N GLU B 44 35.34 -10.29 3.29
CA GLU B 44 36.04 -9.46 2.28
C GLU B 44 37.51 -9.90 2.20
N ASN B 45 38.13 -10.19 3.34
CA ASN B 45 39.59 -10.53 3.34
C ASN B 45 39.78 -11.82 2.53
N LYS B 46 38.94 -12.84 2.77
CA LYS B 46 39.08 -14.18 2.16
C LYS B 46 38.41 -14.26 0.78
N GLN B 47 37.56 -13.29 0.43
CA GLN B 47 36.79 -13.29 -0.84
C GLN B 47 35.99 -14.59 -0.93
N GLN B 48 35.31 -14.95 0.15
CA GLN B 48 34.47 -16.16 0.27
C GLN B 48 33.10 -15.79 0.83
N GLY B 49 32.07 -16.42 0.27
CA GLY B 49 30.65 -16.23 0.64
C GLY B 49 30.12 -17.44 1.36
N PHE B 50 29.14 -17.22 2.22
CA PHE B 50 28.49 -18.27 3.05
C PHE B 50 26.99 -17.97 3.09
N THR B 51 26.15 -18.99 2.96
CA THR B 51 24.69 -18.80 3.03
C THR B 51 24.03 -20.08 3.53
N ASN B 52 22.85 -19.97 4.12
CA ASN B 52 22.09 -21.17 4.55
C ASN B 52 21.31 -21.73 3.36
N ASN B 53 21.24 -21.02 2.23
CA ASN B 53 20.33 -21.41 1.12
C ASN B 53 20.82 -20.76 -0.18
N LEU B 54 21.67 -21.46 -0.93
CA LEU B 54 22.28 -20.97 -2.19
C LEU B 54 21.20 -20.55 -3.17
N LYS B 55 20.11 -21.31 -3.25
CA LYS B 55 19.01 -20.98 -4.20
C LYS B 55 18.36 -19.65 -3.77
N ARG B 56 17.87 -19.55 -2.55
CA ARG B 56 17.17 -18.30 -2.13
C ARG B 56 18.14 -17.10 -2.12
N ALA B 57 19.43 -17.31 -1.90
CA ALA B 57 20.48 -16.26 -1.93
C ALA B 57 20.47 -15.58 -3.31
N ASN B 58 20.07 -16.31 -4.34
CA ASN B 58 20.10 -15.81 -5.76
C ASN B 58 18.70 -15.56 -6.29
N GLN B 59 17.68 -15.64 -5.44
CA GLN B 59 16.30 -15.25 -5.80
C GLN B 59 16.12 -13.75 -5.64
N ALA B 60 15.53 -13.09 -6.64
CA ALA B 60 15.37 -11.62 -6.68
C ALA B 60 13.99 -11.22 -6.16
N PHE B 61 13.97 -10.19 -5.33
CA PHE B 61 12.75 -9.60 -4.74
C PHE B 61 12.78 -8.08 -4.95
N LEU B 62 11.62 -7.45 -4.79
CA LEU B 62 11.52 -5.98 -4.70
C LEU B 62 12.47 -5.53 -3.58
N PRO B 63 13.28 -4.50 -3.83
CA PRO B 63 14.19 -3.99 -2.81
C PRO B 63 13.50 -3.27 -1.64
N ALA B 64 12.30 -2.72 -1.88
CA ALA B 64 11.59 -1.81 -0.94
C ALA B 64 12.63 -0.81 -0.36
N SER B 65 12.65 -0.58 0.94
CA SER B 65 13.47 0.51 1.53
C SER B 65 14.97 0.27 1.37
N THR B 66 15.44 -0.92 1.00
CA THR B 66 16.90 -1.12 0.75
C THR B 66 17.26 -0.25 -0.46
N PHE B 67 16.26 0.13 -1.25
CA PHE B 67 16.47 1.02 -2.42
C PHE B 67 16.92 2.42 -1.97
N ILE B 69 19.43 3.12 -0.35
CA ILE B 69 20.87 3.27 -0.52
C ILE B 69 21.15 3.85 -1.90
N PRO B 70 20.85 3.20 -3.04
CA PRO B 70 21.16 3.80 -4.34
C PRO B 70 20.42 5.14 -4.57
N ASN B 71 19.19 5.26 -4.11
CA ASN B 71 18.38 6.50 -4.26
C ASN B 71 19.13 7.68 -3.60
N SER B 72 19.59 7.50 -2.36
CA SER B 72 20.41 8.52 -1.63
C SER B 72 21.62 8.89 -2.48
N LEU B 73 22.33 7.89 -2.99
CA LEU B 73 23.57 8.14 -3.77
C LEU B 73 23.27 9.02 -4.97
N ILE B 74 22.19 8.69 -5.68
CA ILE B 74 21.82 9.37 -6.94
C ILE B 74 21.38 10.80 -6.59
N ALA B 75 20.55 10.95 -5.57
CA ALA B 75 20.05 12.27 -5.11
C ALA B 75 21.24 13.17 -4.76
N LEU B 76 22.21 12.66 -3.99
CA LEU B 76 23.42 13.43 -3.61
C LEU B 76 24.22 13.78 -4.86
N ASP B 77 24.43 12.83 -5.75
CA ASP B 77 25.39 13.06 -6.86
C ASP B 77 24.82 14.11 -7.82
N LEU B 78 23.50 14.17 -7.96
CA LEU B 78 22.81 15.12 -8.87
C LEU B 78 22.53 16.47 -8.17
N GLY B 79 22.76 16.58 -6.85
CA GLY B 79 22.51 17.84 -6.13
C GLY B 79 21.05 18.01 -5.75
N VAL B 80 20.24 16.95 -5.90
CA VAL B 80 18.85 16.92 -5.37
C VAL B 80 18.92 17.01 -3.85
N VAL B 81 19.88 16.33 -3.25
CA VAL B 81 20.24 16.47 -1.81
C VAL B 81 21.61 17.17 -1.74
N LYS B 82 21.66 18.35 -1.15
CA LYS B 82 22.91 19.17 -1.09
C LYS B 82 23.85 18.51 -0.08
N ASP B 83 23.33 18.08 1.06
CA ASP B 83 24.15 17.45 2.12
C ASP B 83 23.20 16.78 3.10
N GLU B 84 23.76 16.19 4.15
CA GLU B 84 22.99 15.37 5.11
C GLU B 84 22.24 16.25 6.12
N HIS B 85 22.33 17.58 6.00
CA HIS B 85 21.63 18.55 6.91
C HIS B 85 20.38 19.14 6.26
N GLN B 86 20.31 19.09 4.93
CA GLN B 86 19.20 19.72 4.16
C GLN B 86 17.88 19.14 4.66
N VAL B 87 16.92 20.01 4.95
CA VAL B 87 15.60 19.64 5.52
C VAL B 87 14.61 19.40 4.38
N PHE B 88 13.94 18.25 4.44
CA PHE B 88 12.87 17.86 3.48
C PHE B 88 11.56 17.95 4.23
N LYS B 89 10.76 18.92 3.81
CA LYS B 89 9.51 19.32 4.49
C LYS B 89 8.45 18.23 4.31
N TRP B 90 7.83 17.81 5.41
CA TRP B 90 6.62 16.96 5.37
C TRP B 90 5.57 17.55 4.41
N ASP B 91 4.94 16.75 3.56
CA ASP B 91 3.90 17.24 2.59
C ASP B 91 2.55 17.50 3.29
N GLY B 92 2.44 17.20 4.59
CA GLY B 92 1.24 17.48 5.40
C GLY B 92 0.19 16.39 5.31
N GLN B 93 0.49 15.24 4.68
CA GLN B 93 -0.40 14.06 4.63
C GLN B 93 -0.05 13.12 5.79
N THR B 94 -0.95 12.92 6.74
CA THR B 94 -0.69 12.00 7.87
C THR B 94 -0.61 10.56 7.34
N ARG B 95 0.51 9.89 7.59
CA ARG B 95 0.72 8.46 7.22
C ARG B 95 0.79 7.63 8.50
N ASP B 96 0.80 6.32 8.29
CA ASP B 96 0.67 5.22 9.27
C ASP B 96 1.80 5.22 10.29
N ILE B 97 3.00 5.60 9.85
CA ILE B 97 4.24 5.59 10.68
C ILE B 97 4.43 7.02 11.21
N ALA B 98 4.22 7.22 12.50
CA ALA B 98 4.23 8.55 13.16
C ALA B 98 5.50 9.35 12.77
N THR B 99 6.67 8.70 12.81
CA THR B 99 8.00 9.32 12.56
C THR B 99 8.06 9.92 11.14
N TRP B 100 7.18 9.53 10.23
CA TRP B 100 7.18 10.04 8.83
C TRP B 100 6.54 11.45 8.77
N ASN B 101 5.69 11.78 9.75
CA ASN B 101 4.78 12.96 9.66
C ASN B 101 5.46 14.19 10.26
N ARG B 102 6.63 14.53 9.71
CA ARG B 102 7.52 15.61 10.21
CA ARG B 102 7.52 15.61 10.21
C ARG B 102 8.62 15.85 9.18
N ASP B 103 9.39 16.92 9.37
CA ASP B 103 10.55 17.27 8.52
C ASP B 103 11.65 16.24 8.81
N HIS B 104 12.48 15.99 7.80
CA HIS B 104 13.60 15.02 7.87
C HIS B 104 14.82 15.57 7.14
N ASN B 105 15.98 15.07 7.52
CA ASN B 105 17.19 15.22 6.66
C ASN B 105 17.57 13.81 6.17
N LEU B 106 18.67 13.68 5.45
CA LEU B 106 19.07 12.36 4.89
C LEU B 106 19.24 11.34 6.02
N ILE B 107 19.83 11.75 7.14
CA ILE B 107 20.16 10.82 8.24
C ILE B 107 18.87 10.24 8.80
N THR B 108 17.91 11.09 9.16
CA THR B 108 16.69 10.67 9.85
C THR B 108 15.76 10.00 8.82
N ALA B 109 15.74 10.45 7.56
CA ALA B 109 14.91 9.83 6.51
C ALA B 109 15.37 8.38 6.30
N MET B 110 16.68 8.14 6.30
CA MET B 110 17.19 6.75 6.15
CA MET B 110 17.18 6.75 6.15
C MET B 110 16.81 5.95 7.40
N LYS B 111 17.09 6.52 8.58
CA LYS B 111 16.87 5.82 9.89
C LYS B 111 15.41 5.36 10.00
N TYR B 112 14.47 6.22 9.67
CA TYR B 112 13.03 5.94 9.83
C TYR B 112 12.41 5.45 8.52
N SER B 113 13.20 5.16 7.48
CA SER B 113 12.71 4.63 6.17
C SER B 113 11.57 5.51 5.69
N VAL B 114 11.80 6.81 5.54
CA VAL B 114 10.70 7.78 5.30
C VAL B 114 10.43 7.81 3.80
N VAL B 115 9.52 6.93 3.37
CA VAL B 115 9.22 6.71 1.93
C VAL B 115 8.92 8.02 1.22
N PRO B 116 8.02 8.87 1.76
CA PRO B 116 7.61 10.07 1.04
C PRO B 116 8.76 11.01 0.66
N VAL B 117 9.78 11.11 1.51
CA VAL B 117 10.99 11.91 1.20
C VAL B 117 11.68 11.34 -0.04
N TYR B 118 11.83 10.02 -0.08
CA TYR B 118 12.54 9.32 -1.19
C TYR B 118 11.69 9.33 -2.47
N GLN B 119 10.38 9.34 -2.32
CA GLN B 119 9.49 9.47 -3.50
C GLN B 119 9.74 10.83 -4.15
N GLU B 120 9.92 11.89 -3.34
CA GLU B 120 10.19 13.25 -3.86
C GLU B 120 11.56 13.27 -4.56
N PHE B 121 12.59 12.66 -3.95
CA PHE B 121 13.92 12.53 -4.60
C PHE B 121 13.75 11.92 -5.99
N ALA B 122 13.00 10.81 -6.05
CA ALA B 122 12.85 10.00 -7.29
C ALA B 122 12.20 10.86 -8.38
N ARG B 123 11.16 11.64 -8.01
CA ARG B 123 10.46 12.55 -8.96
C ARG B 123 11.47 13.57 -9.51
N GLN B 124 12.31 14.14 -8.66
CA GLN B 124 13.32 15.15 -9.09
C GLN B 124 14.43 14.47 -9.91
N ILE B 125 14.83 13.25 -9.55
CA ILE B 125 15.86 12.53 -10.36
C ILE B 125 15.30 12.30 -11.76
N GLY B 126 14.09 11.74 -11.83
CA GLY B 126 13.38 11.42 -13.10
C GLY B 126 13.87 10.12 -13.74
N GLU B 127 13.05 9.56 -14.63
CA GLU B 127 13.22 8.21 -15.22
C GLU B 127 14.57 8.08 -15.90
N ALA B 128 14.93 9.00 -16.80
CA ALA B 128 16.13 8.82 -17.64
C ALA B 128 17.37 8.71 -16.73
N ARG B 129 17.50 9.59 -15.74
CA ARG B 129 18.72 9.64 -14.89
C ARG B 129 18.68 8.46 -13.91
N MET B 130 17.51 8.09 -13.40
CA MET B 130 17.38 6.93 -12.47
C MET B 130 17.86 5.67 -13.19
N SER B 131 17.40 5.46 -14.43
CA SER B 131 17.72 4.28 -15.24
C SER B 131 19.21 4.22 -15.55
N LYS B 132 19.77 5.31 -16.07
CA LYS B 132 21.23 5.41 -16.35
C LYS B 132 22.05 5.04 -15.10
N MET B 133 21.67 5.58 -13.93
CA MET B 133 22.47 5.38 -12.69
C MET B 133 22.39 3.92 -12.27
N LEU B 134 21.22 3.30 -12.32
CA LEU B 134 21.08 1.89 -11.87
C LEU B 134 21.86 0.97 -12.82
N HIS B 135 21.93 1.29 -14.12
CA HIS B 135 22.77 0.53 -15.07
C HIS B 135 24.24 0.69 -14.65
N ALA B 136 24.69 1.93 -14.43
CA ALA B 136 26.08 2.23 -14.04
C ALA B 136 26.42 1.49 -12.75
N PHE B 137 25.46 1.36 -11.83
CA PHE B 137 25.65 0.67 -10.53
C PHE B 137 25.58 -0.87 -10.67
N ASP B 138 25.13 -1.39 -11.83
CA ASP B 138 24.92 -2.85 -12.03
C ASP B 138 23.93 -3.31 -10.97
N TYR B 139 22.93 -2.48 -10.67
CA TYR B 139 22.01 -2.69 -9.52
C TYR B 139 20.86 -3.61 -9.93
N GLY B 140 20.81 -4.80 -9.35
CA GLY B 140 19.74 -5.79 -9.54
C GLY B 140 19.44 -5.99 -11.01
N ASN B 141 18.16 -6.01 -11.38
CA ASN B 141 17.79 -6.23 -12.80
C ASN B 141 17.75 -4.88 -13.53
N GLU B 142 18.10 -3.77 -12.86
CA GLU B 142 18.28 -2.42 -13.49
C GLU B 142 16.96 -1.94 -14.13
N ASP B 143 15.82 -2.51 -13.73
CA ASP B 143 14.51 -2.28 -14.39
C ASP B 143 13.67 -1.34 -13.51
N ILE B 144 13.44 -0.12 -13.99
CA ILE B 144 12.64 0.89 -13.22
C ILE B 144 11.20 0.97 -13.75
N SER B 145 10.74 -0.03 -14.50
CA SER B 145 9.39 0.01 -15.10
C SER B 145 8.38 0.19 -13.96
N GLY B 146 7.36 1.00 -14.21
CA GLY B 146 6.35 1.44 -13.24
C GLY B 146 6.46 2.93 -13.03
N ASN B 147 5.98 3.41 -11.89
CA ASN B 147 6.03 4.85 -11.54
C ASN B 147 7.43 5.16 -11.01
N VAL B 148 8.00 6.27 -11.48
CA VAL B 148 9.38 6.69 -11.07
C VAL B 148 9.42 6.87 -9.56
N ASP B 149 8.30 7.13 -8.88
CA ASP B 149 8.33 7.36 -7.43
C ASP B 149 7.88 6.13 -6.63
N SER B 150 7.67 4.98 -7.27
CA SER B 150 7.20 3.79 -6.49
C SER B 150 7.72 2.47 -7.07
N PHE B 151 8.60 2.50 -8.08
CA PHE B 151 9.01 1.27 -8.80
C PHE B 151 9.71 0.29 -7.85
N TRP B 152 10.37 0.77 -6.79
CA TRP B 152 11.10 -0.09 -5.81
C TRP B 152 10.10 -0.71 -4.84
N LEU B 153 8.84 -0.31 -4.91
CA LEU B 153 7.76 -0.85 -4.04
C LEU B 153 6.79 -1.73 -4.83
N ASP B 154 6.50 -1.41 -6.08
CA ASP B 154 5.51 -2.23 -6.86
C ASP B 154 5.76 -2.16 -8.37
N GLY B 155 6.96 -1.80 -8.77
CA GLY B 155 7.36 -1.78 -10.19
C GLY B 155 8.19 -3.00 -10.52
N GLY B 156 9.07 -2.85 -11.51
CA GLY B 156 9.80 -3.97 -12.13
C GLY B 156 11.13 -4.29 -11.50
N ILE B 157 11.66 -3.42 -10.63
CA ILE B 157 13.04 -3.60 -10.08
C ILE B 157 13.05 -4.84 -9.18
N ARG B 158 14.06 -5.69 -9.34
CA ARG B 158 14.25 -6.88 -8.49
C ARG B 158 15.75 -7.00 -8.21
N ILE B 159 16.07 -7.51 -7.03
CA ILE B 159 17.48 -7.72 -6.61
C ILE B 159 17.52 -8.89 -5.65
N SER B 160 18.54 -9.72 -5.81
CA SER B 160 18.83 -10.88 -4.94
C SER B 160 19.73 -10.45 -3.79
N ALA B 161 19.80 -11.28 -2.75
CA ALA B 161 20.76 -11.08 -1.64
C ALA B 161 22.20 -11.01 -2.16
N THR B 162 22.62 -11.86 -3.11
CA THR B 162 24.01 -11.84 -3.63
C THR B 162 24.23 -10.56 -4.43
N GLU B 163 23.21 -10.10 -5.16
CA GLU B 163 23.32 -8.84 -5.93
C GLU B 163 23.43 -7.62 -4.98
N GLN B 164 22.77 -7.65 -3.82
CA GLN B 164 22.85 -6.59 -2.79
C GLN B 164 24.32 -6.51 -2.34
N ILE B 165 24.94 -7.69 -2.08
CA ILE B 165 26.34 -7.75 -1.61
C ILE B 165 27.26 -7.15 -2.67
N SER B 166 27.05 -7.48 -3.93
CA SER B 166 27.93 -7.01 -5.04
C SER B 166 27.90 -5.48 -5.07
N PHE B 167 26.69 -4.92 -4.96
CA PHE B 167 26.49 -3.45 -4.96
C PHE B 167 27.14 -2.83 -3.71
N LEU B 168 26.92 -3.42 -2.53
CA LEU B 168 27.44 -2.88 -1.26
C LEU B 168 28.97 -2.89 -1.26
N ARG B 169 29.60 -3.91 -1.84
CA ARG B 169 31.08 -3.97 -1.88
C ARG B 169 31.59 -2.77 -2.70
N LYS B 170 30.94 -2.45 -3.81
CA LYS B 170 31.38 -1.27 -4.61
C LYS B 170 31.26 0.02 -3.77
N LEU B 171 30.15 0.18 -3.05
CA LEU B 171 29.92 1.38 -2.20
C LEU B 171 31.01 1.44 -1.12
N TYR B 172 31.26 0.32 -0.43
CA TYR B 172 32.27 0.26 0.65
C TYR B 172 33.63 0.76 0.15
N HIS B 173 34.02 0.37 -1.07
CA HIS B 173 35.34 0.68 -1.68
C HIS B 173 35.30 1.99 -2.46
N ASN B 174 34.22 2.78 -2.42
CA ASN B 174 34.07 4.04 -3.20
C ASN B 174 34.27 3.78 -4.70
N LYS B 175 33.83 2.62 -5.19
CA LYS B 175 34.08 2.21 -6.59
C LYS B 175 32.85 2.50 -7.46
N LEU B 176 31.76 3.06 -6.92
CA LEU B 176 30.66 3.52 -7.80
C LEU B 176 31.15 4.79 -8.51
N HIS B 177 30.58 5.12 -9.66
CA HIS B 177 31.08 6.23 -10.52
C HIS B 177 30.70 7.61 -9.96
N VAL B 178 29.83 7.65 -8.94
CA VAL B 178 29.35 8.92 -8.32
C VAL B 178 30.53 9.40 -7.49
N SER B 179 30.47 10.63 -6.99
CA SER B 179 31.60 11.29 -6.30
C SER B 179 31.97 10.44 -5.08
N GLU B 180 33.23 10.52 -4.64
CA GLU B 180 33.64 9.93 -3.34
C GLU B 180 32.74 10.52 -2.24
N ARG B 181 32.53 11.84 -2.26
CA ARG B 181 31.71 12.56 -1.25
C ARG B 181 30.31 11.92 -1.11
N SER B 182 29.62 11.67 -2.25
CA SER B 182 28.28 11.04 -2.25
C SER B 182 28.34 9.71 -1.49
N GLN B 183 29.36 8.92 -1.79
CA GLN B 183 29.51 7.57 -1.23
C GLN B 183 29.79 7.68 0.28
N ARG B 184 30.66 8.61 0.69
CA ARG B 184 30.94 8.80 2.14
C ARG B 184 29.67 9.25 2.88
N ILE B 185 28.89 10.16 2.31
CA ILE B 185 27.66 10.67 3.01
C ILE B 185 26.64 9.52 3.16
N VAL B 186 26.45 8.71 2.11
CA VAL B 186 25.47 7.58 2.22
C VAL B 186 25.96 6.57 3.26
N LYS B 187 27.26 6.30 3.31
CA LYS B 187 27.80 5.32 4.30
C LYS B 187 27.59 5.89 5.70
N GLN B 188 27.72 7.21 5.87
CA GLN B 188 27.39 7.87 7.16
C GLN B 188 25.89 7.65 7.45
N ALA B 189 25.03 7.92 6.50
CA ALA B 189 23.57 7.77 6.67
C ALA B 189 23.19 6.30 6.94
N MET B 190 24.00 5.32 6.53
CA MET B 190 23.71 3.88 6.76
C MET B 190 24.04 3.46 8.21
N LEU B 191 24.77 4.29 8.96
CA LEU B 191 25.25 3.91 10.31
C LEU B 191 24.03 3.47 11.13
N THR B 192 24.11 2.28 11.70
CA THR B 192 22.98 1.65 12.43
C THR B 192 23.39 1.36 13.87
N GLU B 193 24.59 0.86 14.05
CA GLU B 193 25.04 0.37 15.37
C GLU B 193 26.55 0.41 15.43
N ALA B 194 27.12 0.76 16.59
CA ALA B 194 28.59 0.75 16.77
C ALA B 194 28.93 0.61 18.25
N ASN B 195 30.01 -0.10 18.53
CA ASN B 195 30.58 -0.23 19.89
C ASN B 195 32.07 -0.52 19.73
N GLY B 196 32.73 -0.97 20.80
CA GLY B 196 34.17 -1.27 20.78
C GLY B 196 34.53 -2.51 19.96
N ASP B 197 33.53 -3.32 19.56
CA ASP B 197 33.73 -4.64 18.87
C ASP B 197 33.39 -4.53 17.38
N TYR B 198 32.41 -3.71 16.97
CA TYR B 198 32.01 -3.65 15.56
C TYR B 198 31.27 -2.36 15.23
N ILE B 199 31.18 -2.09 13.92
CA ILE B 199 30.31 -1.04 13.34
C ILE B 199 29.42 -1.72 12.30
N ILE B 200 28.11 -1.51 12.39
CA ILE B 200 27.14 -1.97 11.35
C ILE B 200 26.63 -0.77 10.57
N ARG B 201 26.87 -0.79 9.26
CA ARG B 201 26.21 0.13 8.31
C ARG B 201 25.25 -0.72 7.50
N ALA B 202 23.97 -0.33 7.45
CA ALA B 202 22.91 -1.21 6.93
C ALA B 202 21.65 -0.43 6.61
N LYS B 203 20.72 -1.12 5.94
CA LYS B 203 19.39 -0.59 5.61
C LYS B 203 18.37 -1.73 5.68
N THR B 204 17.29 -1.52 6.42
CA THR B 204 16.13 -2.43 6.51
C THR B 204 15.21 -2.19 5.29
N GLY B 205 14.37 -3.17 4.99
CA GLY B 205 13.27 -3.02 4.02
C GLY B 205 12.14 -3.98 4.38
N TYR B 206 10.92 -3.65 3.97
CA TYR B 206 9.73 -4.52 4.14
C TYR B 206 8.90 -4.40 2.86
N SER B 207 8.99 -5.41 1.99
CA SER B 207 8.25 -5.45 0.71
C SER B 207 6.87 -6.09 0.99
N THR B 208 5.78 -5.34 0.85
CA THR B 208 4.41 -5.83 1.15
C THR B 208 3.48 -5.78 -0.07
N ARG B 209 3.83 -5.09 -1.16
CA ARG B 209 2.85 -4.74 -2.22
C ARG B 209 2.61 -5.87 -3.22
N ILE B 210 3.54 -6.81 -3.39
CA ILE B 210 3.28 -8.10 -4.10
C ILE B 210 3.87 -9.23 -3.26
N GLU B 211 3.39 -10.44 -3.48
CA GLU B 211 3.83 -11.63 -2.71
C GLU B 211 5.17 -12.09 -3.27
N PRO B 212 6.01 -12.77 -2.48
CA PRO B 212 5.79 -12.97 -1.05
C PRO B 212 6.22 -11.72 -0.26
N LYS B 213 5.50 -11.41 0.82
CA LYS B 213 5.87 -10.28 1.70
C LYS B 213 7.18 -10.69 2.37
N ILE B 214 8.21 -9.86 2.26
CA ILE B 214 9.53 -10.21 2.85
C ILE B 214 10.11 -9.00 3.58
N GLY B 215 10.88 -9.30 4.60
CA GLY B 215 11.79 -8.35 5.26
C GLY B 215 13.22 -8.51 4.74
N TRP B 216 13.91 -7.38 4.59
CA TRP B 216 15.33 -7.26 4.19
C TRP B 216 16.13 -6.64 5.32
N TRP B 217 17.40 -7.05 5.43
CA TRP B 217 18.47 -6.27 6.09
C TRP B 217 19.75 -6.50 5.32
N VAL B 218 20.31 -5.43 4.76
CA VAL B 218 21.54 -5.53 3.92
C VAL B 218 22.54 -4.48 4.42
N GLY B 219 23.81 -4.81 4.38
CA GLY B 219 24.88 -3.90 4.81
C GLY B 219 26.16 -4.62 5.07
N TRP B 220 26.91 -4.16 6.06
CA TRP B 220 28.18 -4.83 6.45
C TRP B 220 28.54 -4.52 7.90
N VAL B 221 29.41 -5.39 8.40
CA VAL B 221 30.01 -5.33 9.75
C VAL B 221 31.48 -4.99 9.55
N GLU B 222 31.89 -3.81 10.02
CA GLU B 222 33.31 -3.40 10.01
C GLU B 222 33.94 -3.91 11.32
N LEU B 223 34.97 -4.73 11.19
CA LEU B 223 35.84 -5.15 12.32
C LEU B 223 37.16 -4.39 12.20
N ASP B 224 38.02 -4.52 13.22
CA ASP B 224 39.37 -3.93 13.21
C ASP B 224 40.13 -4.33 11.93
N ASP B 225 40.04 -5.59 11.51
CA ASP B 225 40.96 -6.19 10.51
C ASP B 225 40.21 -6.88 9.37
N ASN B 226 38.88 -6.74 9.27
CA ASN B 226 38.08 -7.37 8.20
C ASN B 226 36.75 -6.62 8.05
N VAL B 227 36.05 -6.88 6.94
CA VAL B 227 34.67 -6.43 6.69
C VAL B 227 33.86 -7.66 6.28
N TRP B 228 32.73 -7.86 6.93
CA TRP B 228 31.75 -8.91 6.59
C TRP B 228 30.53 -8.24 5.99
N PHE B 229 30.31 -8.40 4.69
CA PHE B 229 29.07 -7.94 4.03
C PHE B 229 27.98 -8.95 4.33
N PHE B 230 26.76 -8.46 4.44
CA PHE B 230 25.58 -9.32 4.66
C PHE B 230 24.39 -8.80 3.88
N ALA B 231 23.54 -9.75 3.52
CA ALA B 231 22.21 -9.52 2.93
C ALA B 231 21.32 -10.67 3.36
N MET B 232 20.23 -10.33 4.02
CA MET B 232 19.25 -11.32 4.49
C MET B 232 17.87 -10.87 4.00
N ASN B 233 17.04 -11.84 3.66
CA ASN B 233 15.60 -11.61 3.52
C ASN B 233 14.88 -12.82 4.13
N MET B 234 13.65 -12.59 4.54
CA MET B 234 12.84 -13.60 5.25
C MET B 234 11.37 -13.32 5.01
N ASP B 235 10.58 -14.39 5.02
CA ASP B 235 9.11 -14.28 4.88
C ASP B 235 8.61 -13.45 6.06
N MET B 236 7.76 -12.48 5.77
CA MET B 236 7.28 -11.48 6.76
C MET B 236 5.78 -11.28 6.52
N PRO B 237 4.94 -12.25 6.93
CA PRO B 237 3.50 -12.17 6.63
C PRO B 237 2.84 -10.97 7.33
N THR B 238 3.34 -10.56 8.50
CA THR B 238 2.89 -9.35 9.23
C THR B 238 4.10 -8.58 9.74
N SER B 239 3.90 -7.32 10.12
CA SER B 239 4.91 -6.42 10.70
C SER B 239 5.37 -6.91 12.08
N ASP B 240 4.64 -7.83 12.72
CA ASP B 240 4.98 -8.33 14.07
C ASP B 240 6.40 -8.91 14.12
N GLY B 241 6.88 -9.50 13.03
CA GLY B 241 8.18 -10.20 13.03
C GLY B 241 9.35 -9.34 12.57
N LEU B 242 9.17 -8.04 12.36
CA LEU B 242 10.20 -7.20 11.69
C LEU B 242 11.50 -7.22 12.47
N GLY B 243 11.43 -7.31 13.81
CA GLY B 243 12.61 -7.37 14.70
C GLY B 243 13.46 -8.60 14.41
N LEU B 244 12.87 -9.65 13.82
CA LEU B 244 13.61 -10.91 13.50
C LEU B 244 14.65 -10.65 12.41
N ARG B 245 14.49 -9.64 11.57
CA ARG B 245 15.51 -9.36 10.51
C ARG B 245 16.90 -9.20 11.17
N GLN B 246 16.99 -8.30 12.14
CA GLN B 246 18.26 -8.00 12.86
C GLN B 246 18.57 -9.17 13.81
N ALA B 247 17.58 -9.71 14.52
CA ALA B 247 17.86 -10.73 15.56
C ALA B 247 18.45 -12.01 14.92
N ILE B 248 17.87 -12.48 13.82
CA ILE B 248 18.37 -13.71 13.13
C ILE B 248 19.73 -13.41 12.52
N THR B 249 19.91 -12.26 11.86
CA THR B 249 21.25 -11.92 11.33
C THR B 249 22.30 -11.97 12.46
N LYS B 250 22.00 -11.39 13.62
CA LYS B 250 22.96 -11.36 14.75
C LYS B 250 23.20 -12.76 15.29
N GLU B 251 22.20 -13.65 15.26
CA GLU B 251 22.38 -15.06 15.69
C GLU B 251 23.42 -15.72 14.78
N VAL B 252 23.38 -15.43 13.46
CA VAL B 252 24.35 -16.01 12.48
C VAL B 252 25.72 -15.36 12.72
N LEU B 253 25.78 -14.04 12.84
CA LEU B 253 27.04 -13.32 13.11
C LEU B 253 27.69 -13.87 14.38
N LYS B 254 26.92 -14.15 15.43
CA LYS B 254 27.48 -14.69 16.70
C LYS B 254 27.99 -16.11 16.49
N GLN B 255 27.20 -16.96 15.82
CA GLN B 255 27.60 -18.36 15.52
C GLN B 255 28.93 -18.34 14.78
N GLU B 256 29.12 -17.44 13.81
CA GLU B 256 30.36 -17.38 12.98
C GLU B 256 31.48 -16.60 13.70
N LYS B 257 31.29 -16.19 14.96
CA LYS B 257 32.29 -15.47 15.80
C LYS B 257 32.66 -14.11 15.18
N ILE B 258 31.76 -13.49 14.42
CA ILE B 258 32.03 -12.18 13.76
C ILE B 258 31.80 -11.07 14.81
N ILE B 259 30.79 -11.25 15.66
CA ILE B 259 30.49 -10.38 16.82
C ILE B 259 30.40 -11.29 18.04
N PRO B 260 30.77 -10.79 19.24
CA PRO B 260 30.67 -11.58 20.47
C PRO B 260 29.24 -11.74 20.99
N LYS C 18 21.46 33.10 29.01
CA LYS C 18 22.76 32.89 29.73
C LYS C 18 23.62 31.89 28.94
N GLU C 19 24.83 32.30 28.56
CA GLU C 19 25.77 31.52 27.70
C GLU C 19 26.16 30.22 28.44
N TRP C 20 26.63 30.34 29.69
CA TRP C 20 27.15 29.21 30.51
C TRP C 20 26.36 29.17 31.82
N GLN C 21 25.82 28.00 32.17
CA GLN C 21 25.08 27.81 33.45
C GLN C 21 25.76 26.70 34.24
N GLU C 22 25.93 26.94 35.53
CA GLU C 22 26.64 26.01 36.43
C GLU C 22 25.57 25.12 37.04
N ASN C 23 25.80 23.80 37.00
CA ASN C 23 24.85 22.82 37.57
C ASN C 23 25.67 21.93 38.49
N LYS C 24 25.72 22.31 39.77
CA LYS C 24 26.54 21.56 40.76
C LYS C 24 25.89 20.23 41.10
N SER C 25 24.62 19.97 40.73
CA SER C 25 23.98 18.65 40.97
C SER C 25 24.78 17.53 40.27
N TRP C 26 25.47 17.84 39.15
CA TRP C 26 26.32 16.84 38.44
C TRP C 26 27.45 16.32 39.36
N ASN C 27 27.85 17.10 40.36
CA ASN C 27 28.98 16.71 41.25
C ASN C 27 28.57 15.43 41.99
N ALA C 28 27.29 15.11 42.08
CA ALA C 28 26.84 13.85 42.72
C ALA C 28 27.45 12.64 41.97
N HIS C 29 27.63 12.76 40.65
CA HIS C 29 28.20 11.69 39.79
C HIS C 29 29.69 11.58 40.07
N PHE C 30 30.40 12.69 40.25
CA PHE C 30 31.82 12.66 40.66
C PHE C 30 31.97 12.04 42.07
N THR C 31 31.15 12.47 43.00
CA THR C 31 31.29 12.06 44.43
C THR C 31 30.93 10.58 44.57
N GLU C 32 29.92 10.08 43.87
CA GLU C 32 29.54 8.64 43.80
C GLU C 32 30.81 7.83 43.50
N HIS C 33 31.69 8.33 42.63
CA HIS C 33 32.88 7.61 42.11
C HIS C 33 34.16 8.11 42.82
N LYS C 34 34.03 8.82 43.95
CA LYS C 34 35.18 9.35 44.73
C LYS C 34 36.15 10.07 43.78
N SER C 35 35.63 10.92 42.89
CA SER C 35 36.38 11.53 41.77
C SER C 35 36.18 13.05 41.79
N GLN C 36 37.03 13.74 41.04
CA GLN C 36 37.00 15.20 40.85
C GLN C 36 37.16 15.48 39.36
N GLY C 37 36.32 16.34 38.82
CA GLY C 37 36.56 16.82 37.45
C GLY C 37 35.45 17.69 36.96
N VAL C 38 35.40 17.89 35.66
CA VAL C 38 34.40 18.78 35.03
C VAL C 38 33.80 18.05 33.83
N VAL C 39 32.51 18.25 33.65
CA VAL C 39 31.78 17.93 32.40
C VAL C 39 31.26 19.25 31.86
N VAL C 40 31.55 19.50 30.59
CA VAL C 40 30.97 20.66 29.87
C VAL C 40 30.07 20.11 28.74
N LEU C 41 28.81 20.56 28.69
CA LEU C 41 27.87 20.26 27.58
C LEU C 41 27.55 21.55 26.84
N TRP C 42 27.38 21.46 25.54
CA TRP C 42 26.89 22.54 24.68
C TRP C 42 25.70 22.02 23.86
N ASN C 43 24.54 22.62 24.07
CA ASN C 43 23.30 22.34 23.30
C ASN C 43 23.37 23.18 22.03
N GLU C 44 23.57 22.53 20.88
CA GLU C 44 23.84 23.26 19.61
C GLU C 44 22.58 24.03 19.20
N ASN C 45 21.40 23.43 19.33
CA ASN C 45 20.13 24.08 18.90
C ASN C 45 19.93 25.38 19.70
N LYS C 46 20.11 25.32 21.01
CA LYS C 46 19.80 26.45 21.94
C LYS C 46 21.00 27.40 22.08
N GLN C 47 22.21 26.99 21.64
CA GLN C 47 23.45 27.78 21.78
C GLN C 47 23.64 28.12 23.26
N GLN C 48 23.50 27.12 24.13
CA GLN C 48 23.64 27.24 25.59
C GLN C 48 24.58 26.16 26.11
N GLY C 49 25.45 26.54 27.07
CA GLY C 49 26.44 25.64 27.69
C GLY C 49 26.05 25.35 29.12
N PHE C 50 26.46 24.19 29.63
CA PHE C 50 26.17 23.72 30.99
C PHE C 50 27.43 23.05 31.52
N THR C 51 27.78 23.29 32.78
CA THR C 51 28.96 22.64 33.40
C THR C 51 28.75 22.53 34.90
N ASN C 52 29.41 21.59 35.54
CA ASN C 52 29.35 21.48 37.01
C ASN C 52 30.38 22.44 37.64
N ASN C 53 31.28 23.03 36.83
CA ASN C 53 32.43 23.80 37.38
C ASN C 53 32.95 24.79 36.34
N LEU C 54 32.43 26.02 36.36
CA LEU C 54 32.74 27.09 35.36
C LEU C 54 34.26 27.31 35.29
N LYS C 55 34.92 27.33 36.45
CA LYS C 55 36.38 27.59 36.55
C LYS C 55 37.13 26.44 35.87
N ARG C 56 36.91 25.19 36.30
CA ARG C 56 37.68 24.06 35.74
C ARG C 56 37.33 23.85 34.26
N ALA C 57 36.14 24.24 33.81
CA ALA C 57 35.71 24.17 32.40
C ALA C 57 36.67 25.00 31.55
N ASN C 58 37.29 26.03 32.12
CA ASN C 58 38.18 26.95 31.36
C ASN C 58 39.65 26.74 31.74
N GLN C 59 39.95 25.72 32.54
CA GLN C 59 41.35 25.39 32.93
C GLN C 59 41.98 24.56 31.81
N ALA C 60 43.18 24.97 31.37
CA ALA C 60 43.86 24.36 30.22
C ALA C 60 44.85 23.28 30.69
N PHE C 61 44.78 22.13 30.04
CA PHE C 61 45.63 20.96 30.32
C PHE C 61 46.25 20.47 29.02
N LEU C 62 47.28 19.64 29.14
CA LEU C 62 47.81 18.86 28.00
C LEU C 62 46.65 18.10 27.37
N PRO C 63 46.50 18.16 26.04
CA PRO C 63 45.44 17.41 25.36
C PRO C 63 45.63 15.89 25.34
N ALA C 64 46.87 15.42 25.46
CA ALA C 64 47.24 14.00 25.29
C ALA C 64 46.53 13.46 24.03
N SER C 65 45.91 12.29 24.08
CA SER C 65 45.39 11.61 22.86
C SER C 65 44.22 12.38 22.25
N THR C 66 43.61 13.38 22.92
CA THR C 66 42.54 14.17 22.29
C THR C 66 43.20 14.93 21.13
N PHE C 67 44.52 15.08 21.17
CA PHE C 67 45.27 15.76 20.07
C PHE C 67 45.22 14.94 18.78
N ILE C 69 42.67 14.17 17.23
CA ILE C 69 41.70 14.78 16.31
C ILE C 69 42.43 15.78 15.40
N PRO C 70 43.04 16.88 15.88
CA PRO C 70 43.69 17.81 14.95
C PRO C 70 44.86 17.18 14.18
N ASN C 71 45.62 16.30 14.80
CA ASN C 71 46.77 15.62 14.15
C ASN C 71 46.26 14.84 12.93
N SER C 72 45.18 14.08 13.08
CA SER C 72 44.53 13.32 11.98
C SER C 72 44.16 14.30 10.88
N LEU C 73 43.51 15.41 11.25
CA LEU C 73 43.02 16.38 10.25
C LEU C 73 44.19 16.90 9.42
N ILE C 74 45.27 17.27 10.10
CA ILE C 74 46.45 17.89 9.43
C ILE C 74 47.13 16.83 8.56
N ALA C 75 47.30 15.61 9.08
CA ALA C 75 47.94 14.49 8.34
C ALA C 75 47.15 14.22 7.04
N LEU C 76 45.82 14.14 7.11
CA LEU C 76 44.95 13.92 5.91
C LEU C 76 45.09 15.10 4.96
N ASP C 77 45.04 16.32 5.47
CA ASP C 77 44.94 17.50 4.58
C ASP C 77 46.23 17.67 3.80
N LEU C 78 47.37 17.31 4.39
CA LEU C 78 48.71 17.46 3.77
C LEU C 78 49.08 16.20 2.96
N GLY C 79 48.28 15.14 3.00
CA GLY C 79 48.54 13.92 2.21
C GLY C 79 49.53 13.00 2.89
N VAL C 80 49.86 13.27 4.16
CA VAL C 80 50.68 12.34 5.00
C VAL C 80 49.89 11.05 5.19
N VAL C 81 48.59 11.16 5.40
CA VAL C 81 47.64 10.02 5.39
C VAL C 81 46.79 10.13 4.11
N LYS C 82 46.85 9.12 3.26
CA LYS C 82 46.12 9.11 1.97
C LYS C 82 44.62 8.96 2.23
N ASP C 83 44.24 8.04 3.12
CA ASP C 83 42.83 7.72 3.43
C ASP C 83 42.83 6.84 4.67
N GLU C 84 41.65 6.46 5.11
CA GLU C 84 41.43 5.70 6.37
C GLU C 84 41.79 4.21 6.21
N HIS C 85 42.22 3.77 5.02
CA HIS C 85 42.60 2.35 4.73
C HIS C 85 44.12 2.17 4.73
N GLN C 86 44.86 3.25 4.50
CA GLN C 86 46.35 3.21 4.44
C GLN C 86 46.88 2.55 5.71
N VAL C 87 47.78 1.59 5.54
CA VAL C 87 48.36 0.79 6.64
C VAL C 87 49.63 1.48 7.13
N PHE C 88 49.74 1.66 8.43
CA PHE C 88 50.96 2.17 9.13
C PHE C 88 51.56 0.96 9.84
N LYS C 89 52.67 0.48 9.27
CA LYS C 89 53.35 -0.76 9.70
C LYS C 89 53.95 -0.53 11.08
N TRP C 90 53.72 -1.44 12.00
CA TRP C 90 54.40 -1.49 13.31
C TRP C 90 55.92 -1.38 13.09
N ASP C 91 56.60 -0.54 13.85
CA ASP C 91 58.07 -0.32 13.71
C ASP C 91 58.85 -1.49 14.35
N GLY C 92 58.15 -2.45 14.98
CA GLY C 92 58.75 -3.68 15.52
C GLY C 92 59.30 -3.50 16.92
N GLN C 93 59.05 -2.35 17.55
CA GLN C 93 59.43 -2.06 18.96
C GLN C 93 58.27 -2.43 19.87
N THR C 94 58.45 -3.43 20.73
CA THR C 94 57.40 -3.88 21.68
C THR C 94 57.18 -2.77 22.70
N ARG C 95 55.95 -2.29 22.81
CA ARG C 95 55.54 -1.28 23.82
C ARG C 95 54.58 -1.95 24.81
N ASP C 96 54.27 -1.22 25.88
CA ASP C 96 53.50 -1.67 27.07
C ASP C 96 52.04 -1.92 26.72
N ILE C 97 51.48 -1.25 25.71
CA ILE C 97 50.07 -1.43 25.28
C ILE C 97 50.07 -2.43 24.12
N ALA C 98 49.59 -3.66 24.36
CA ALA C 98 49.60 -4.79 23.40
C ALA C 98 49.04 -4.34 22.03
N THR C 99 47.91 -3.63 22.04
CA THR C 99 47.18 -3.21 20.81
C THR C 99 48.06 -2.30 19.93
N TRP C 100 49.12 -1.72 20.46
CA TRP C 100 50.04 -0.83 19.69
C TRP C 100 51.03 -1.65 18.86
N ASN C 101 51.25 -2.92 19.23
CA ASN C 101 52.35 -3.76 18.65
C ASN C 101 51.83 -4.54 17.45
N ARG C 102 51.31 -3.81 16.44
N ARG C 102 51.30 -3.82 16.44
CA ARG C 102 50.69 -4.39 15.22
CA ARG C 102 50.66 -4.40 15.23
C ARG C 102 50.48 -3.27 14.21
C ARG C 102 50.47 -3.28 14.21
N ASP C 103 50.12 -3.64 12.97
CA ASP C 103 49.81 -2.65 11.91
C ASP C 103 48.47 -1.98 12.26
N HIS C 104 48.31 -0.75 11.81
CA HIS C 104 47.10 0.07 12.08
C HIS C 104 46.77 0.88 10.84
N ASN C 105 45.50 1.24 10.72
CA ASN C 105 45.07 2.31 9.79
C ASN C 105 44.57 3.46 10.68
N LEU C 106 44.03 4.52 10.06
CA LEU C 106 43.56 5.69 10.83
C LEU C 106 42.48 5.27 11.84
N ILE C 107 41.58 4.36 11.43
CA ILE C 107 40.42 3.98 12.25
C ILE C 107 40.92 3.30 13.51
N THR C 108 41.79 2.28 13.37
CA THR C 108 42.24 1.47 14.52
C THR C 108 43.26 2.29 15.32
N ALA C 109 44.06 3.13 14.67
CA ALA C 109 45.04 3.99 15.39
C ALA C 109 44.30 4.96 16.31
N MET C 110 43.18 5.52 15.86
CA MET C 110 42.37 6.41 16.72
CA MET C 110 42.36 6.42 16.71
C MET C 110 41.74 5.59 17.84
N LYS C 111 41.14 4.45 17.49
CA LYS C 111 40.39 3.59 18.45
C LYS C 111 41.30 3.18 19.61
N TYR C 112 42.52 2.76 19.31
CA TYR C 112 43.47 2.22 20.31
C TYR C 112 44.47 3.30 20.75
N SER C 113 44.28 4.57 20.34
CA SER C 113 45.14 5.72 20.76
C SER C 113 46.59 5.34 20.51
N VAL C 114 46.96 4.99 19.29
CA VAL C 114 48.27 4.39 18.97
C VAL C 114 49.26 5.53 18.77
N VAL C 115 49.89 5.94 19.86
CA VAL C 115 50.80 7.12 19.91
C VAL C 115 51.86 7.00 18.82
N PRO C 116 52.57 5.86 18.68
CA PRO C 116 53.69 5.77 17.75
C PRO C 116 53.33 6.12 16.30
N VAL C 117 52.12 5.75 15.88
CA VAL C 117 51.62 6.09 14.51
C VAL C 117 51.51 7.61 14.38
N TYR C 118 50.94 8.26 15.39
CA TYR C 118 50.72 9.72 15.41
C TYR C 118 52.04 10.48 15.57
N GLN C 119 53.01 9.87 16.25
CA GLN C 119 54.36 10.48 16.36
C GLN C 119 54.97 10.55 14.95
N GLU C 120 54.77 9.50 14.15
CA GLU C 120 55.31 9.45 12.76
C GLU C 120 54.61 10.51 11.93
N PHE C 121 53.28 10.63 12.03
CA PHE C 121 52.52 11.71 11.34
C PHE C 121 53.16 13.07 11.69
N ALA C 122 53.37 13.31 12.97
CA ALA C 122 53.85 14.62 13.50
C ALA C 122 55.23 14.94 12.88
N ARG C 123 56.12 13.94 12.84
CA ARG C 123 57.47 14.09 12.22
C ARG C 123 57.32 14.46 10.76
N GLN C 124 56.42 13.82 10.01
CA GLN C 124 56.25 14.11 8.56
C GLN C 124 55.57 15.47 8.39
N ILE C 125 54.63 15.83 9.26
CA ILE C 125 54.00 17.18 9.18
C ILE C 125 55.09 18.24 9.39
N GLY C 126 55.86 18.08 10.46
CA GLY C 126 56.98 18.99 10.83
C GLY C 126 56.51 20.20 11.59
N GLU C 127 57.43 20.87 12.30
CA GLU C 127 57.14 22.00 13.23
C GLU C 127 56.41 23.12 12.50
N ALA C 128 56.93 23.58 11.35
CA ALA C 128 56.42 24.79 10.71
C ALA C 128 54.95 24.57 10.36
N ARG C 129 54.61 23.42 9.76
CA ARG C 129 53.25 23.17 9.23
C ARG C 129 52.32 22.87 10.41
N MET C 130 52.80 22.17 11.44
CA MET C 130 51.99 21.86 12.64
C MET C 130 51.56 23.18 13.28
N SER C 131 52.51 24.11 13.45
CA SER C 131 52.28 25.42 14.10
C SER C 131 51.27 26.24 13.30
N LYS C 132 51.50 26.41 11.99
CA LYS C 132 50.57 27.13 11.10
C LYS C 132 49.15 26.55 11.24
N MET C 133 48.99 25.22 11.23
CA MET C 133 47.66 24.57 11.21
C MET C 133 46.97 24.81 12.56
N LEU C 134 47.69 24.69 13.67
CA LEU C 134 47.04 24.89 15.01
C LEU C 134 46.64 26.36 15.16
N HIS C 135 47.38 27.30 14.56
CA HIS C 135 46.97 28.73 14.55
C HIS C 135 45.67 28.85 13.75
N ALA C 136 45.63 28.27 12.55
CA ALA C 136 44.44 28.30 11.67
C ALA C 136 43.25 27.69 12.41
N PHE C 137 43.48 26.66 13.22
CA PHE C 137 42.41 25.98 14.01
C PHE C 137 42.03 26.76 15.29
N ASP C 138 42.80 27.79 15.68
CA ASP C 138 42.58 28.56 16.93
C ASP C 138 42.61 27.55 18.08
N TYR C 139 43.53 26.57 17.98
CA TYR C 139 43.53 25.39 18.89
C TYR C 139 44.28 25.72 20.19
N GLY C 140 43.55 25.74 21.32
CA GLY C 140 44.14 25.90 22.66
C GLY C 140 45.08 27.10 22.72
N ASN C 141 46.27 26.93 23.31
CA ASN C 141 47.25 28.03 23.41
C ASN C 141 48.15 28.04 22.17
N GLU C 142 47.92 27.14 21.20
CA GLU C 142 48.62 27.14 19.89
C GLU C 142 50.15 26.96 20.06
N ASP C 143 50.61 26.46 21.20
CA ASP C 143 52.05 26.39 21.57
C ASP C 143 52.54 24.95 21.39
N ILE C 144 53.39 24.70 20.39
CA ILE C 144 53.94 23.35 20.10
C ILE C 144 55.35 23.20 20.69
N SER C 145 55.78 24.07 21.60
CA SER C 145 57.13 24.00 22.22
C SER C 145 57.33 22.58 22.76
N GLY C 146 58.52 22.03 22.53
CA GLY C 146 58.91 20.66 22.94
C GLY C 146 59.27 19.85 21.71
N ASN C 147 59.25 18.53 21.83
CA ASN C 147 59.49 17.62 20.67
C ASN C 147 58.31 17.69 19.70
N VAL C 148 58.56 17.81 18.40
CA VAL C 148 57.49 17.85 17.36
C VAL C 148 56.62 16.59 17.48
N ASP C 149 57.18 15.50 17.99
CA ASP C 149 56.51 14.19 18.05
C ASP C 149 56.09 13.89 19.48
N SER C 150 56.12 14.84 20.43
CA SER C 150 55.54 14.56 21.78
C SER C 150 54.94 15.78 22.47
N PHE C 151 54.85 16.94 21.80
CA PHE C 151 54.47 18.21 22.49
C PHE C 151 53.07 18.11 23.13
N TRP C 152 52.16 17.29 22.57
CA TRP C 152 50.76 17.13 23.07
C TRP C 152 50.78 16.24 24.30
N LEU C 153 51.91 15.61 24.61
CA LEU C 153 52.04 14.70 25.79
C LEU C 153 52.90 15.32 26.89
N ASP C 154 53.92 16.10 26.53
CA ASP C 154 54.86 16.63 27.56
C ASP C 154 55.48 17.96 27.12
N GLY C 155 54.89 18.66 26.15
CA GLY C 155 55.38 19.96 25.69
C GLY C 155 54.49 21.09 26.19
N GLY C 156 54.43 22.18 25.43
CA GLY C 156 53.84 23.45 25.87
C GLY C 156 52.34 23.59 25.57
N ILE C 157 51.76 22.72 24.71
CA ILE C 157 50.37 22.88 24.24
C ILE C 157 49.41 22.68 25.42
N ARG C 158 48.42 23.57 25.54
CA ARG C 158 47.38 23.48 26.62
C ARG C 158 46.04 23.83 25.98
N ILE C 159 44.99 23.15 26.42
CA ILE C 159 43.61 23.37 25.93
C ILE C 159 42.65 23.08 27.07
N SER C 160 41.63 23.93 27.19
CA SER C 160 40.54 23.78 28.17
C SER C 160 39.39 22.96 27.58
N ALA C 161 38.51 22.47 28.44
CA ALA C 161 37.25 21.80 28.02
C ALA C 161 36.42 22.71 27.09
N THR C 162 36.28 24.01 27.38
CA THR C 162 35.46 24.92 26.55
C THR C 162 36.17 25.14 25.22
N GLU C 163 37.49 25.18 25.21
CA GLU C 163 38.26 25.32 23.94
C GLU C 163 38.13 24.04 23.08
N GLN C 164 38.03 22.87 23.70
CA GLN C 164 37.80 21.57 23.00
C GLN C 164 36.44 21.68 22.29
N ILE C 165 35.43 22.21 22.98
CA ILE C 165 34.05 22.33 22.43
C ILE C 165 34.10 23.28 21.23
N SER C 166 34.78 24.41 21.34
CA SER C 166 34.86 25.41 20.25
CA SER C 166 34.86 25.41 20.25
C SER C 166 35.46 24.76 19.00
N PHE C 167 36.53 24.02 19.20
CA PHE C 167 37.22 23.30 18.10
C PHE C 167 36.31 22.22 17.50
N LEU C 168 35.65 21.44 18.33
CA LEU C 168 34.77 20.35 17.87
C LEU C 168 33.56 20.92 17.10
N ARG C 169 33.01 22.05 17.50
CA ARG C 169 31.86 22.65 16.78
C ARG C 169 32.32 23.00 15.36
N LYS C 170 33.52 23.53 15.20
CA LYS C 170 34.03 23.85 13.84
C LYS C 170 34.14 22.55 13.03
N LEU C 171 34.68 21.48 13.63
CA LEU C 171 34.84 20.18 12.93
C LEU C 171 33.46 19.66 12.52
N TYR C 172 32.49 19.68 13.44
CA TYR C 172 31.12 19.17 13.17
C TYR C 172 30.52 19.87 11.95
N HIS C 173 30.74 21.19 11.83
CA HIS C 173 30.15 22.03 10.75
C HIS C 173 31.09 22.11 9.53
N ASN C 174 32.17 21.34 9.47
CA ASN C 174 33.15 21.38 8.36
C ASN C 174 33.71 22.80 8.17
N LYS C 175 33.90 23.55 9.26
CA LYS C 175 34.34 24.96 9.18
C LYS C 175 35.86 25.10 9.44
N LEU C 176 36.57 24.03 9.75
CA LEU C 176 38.05 24.12 9.93
C LEU C 176 38.69 24.38 8.57
N HIS C 177 39.87 25.00 8.54
CA HIS C 177 40.57 25.37 7.28
CA HIS C 177 40.56 25.36 7.28
C HIS C 177 41.38 24.16 6.80
N VAL C 178 40.68 23.06 6.53
CA VAL C 178 41.15 21.86 5.83
C VAL C 178 39.98 21.41 4.95
N SER C 179 40.19 20.46 4.06
CA SER C 179 39.19 20.03 3.05
C SER C 179 37.97 19.49 3.80
N GLU C 180 36.78 19.56 3.18
CA GLU C 180 35.60 18.84 3.74
C GLU C 180 35.92 17.35 3.92
N ARG C 181 36.58 16.75 2.94
CA ARG C 181 36.97 15.30 2.95
C ARG C 181 37.76 14.97 4.23
N SER C 182 38.79 15.76 4.57
CA SER C 182 39.62 15.55 5.77
C SER C 182 38.71 15.51 7.00
N GLN C 183 37.78 16.46 7.07
CA GLN C 183 36.86 16.60 8.22
C GLN C 183 35.93 15.39 8.28
N ARG C 184 35.38 14.96 7.16
CA ARG C 184 34.46 13.78 7.13
C ARG C 184 35.21 12.51 7.54
N ILE C 185 36.45 12.33 7.09
CA ILE C 185 37.24 11.09 7.44
C ILE C 185 37.52 11.10 8.96
N VAL C 186 37.93 12.24 9.53
CA VAL C 186 38.23 12.29 10.98
C VAL C 186 36.95 12.03 11.78
N LYS C 187 35.82 12.59 11.34
CA LYS C 187 34.54 12.36 12.07
C LYS C 187 34.18 10.87 11.98
N GLN C 188 34.46 10.22 10.87
CA GLN C 188 34.30 8.74 10.74
C GLN C 188 35.23 8.05 11.74
N ALA C 189 36.49 8.41 11.76
CA ALA C 189 37.49 7.83 12.70
C ALA C 189 37.09 8.07 14.17
N MET C 190 36.33 9.11 14.48
CA MET C 190 35.89 9.41 15.87
C MET C 190 34.75 8.52 16.33
N LEU C 191 34.11 7.78 15.42
CA LEU C 191 32.89 7.01 15.76
C LEU C 191 33.23 6.10 16.93
N THR C 192 32.44 6.20 18.00
CA THR C 192 32.72 5.43 19.24
C THR C 192 31.56 4.50 19.54
N GLU C 193 30.35 4.99 19.38
CA GLU C 193 29.16 4.23 19.80
C GLU C 193 27.96 4.73 18.99
N ALA C 194 27.05 3.83 18.64
CA ALA C 194 25.79 4.19 17.95
C ALA C 194 24.74 3.13 18.23
N ASN C 195 23.49 3.58 18.35
CA ASN C 195 22.30 2.72 18.45
C ASN C 195 21.13 3.53 17.91
N GLY C 196 19.91 3.05 18.13
CA GLY C 196 18.68 3.70 17.69
C GLY C 196 18.37 5.01 18.42
N ASP C 197 19.06 5.31 19.52
CA ASP C 197 18.80 6.52 20.36
C ASP C 197 19.86 7.63 20.11
N TYR C 198 21.11 7.28 19.82
CA TYR C 198 22.17 8.31 19.68
C TYR C 198 23.38 7.78 18.92
N ILE C 199 24.22 8.71 18.49
CA ILE C 199 25.57 8.44 17.94
C ILE C 199 26.57 9.26 18.77
N ILE C 200 27.63 8.64 19.25
CA ILE C 200 28.76 9.37 19.90
C ILE C 200 29.96 9.31 18.98
N ARG C 201 30.46 10.49 18.61
CA ARG C 201 31.80 10.65 17.99
C ARG C 201 32.67 11.33 19.04
N ALA C 202 33.81 10.73 19.37
CA ALA C 202 34.62 11.20 20.51
C ALA C 202 36.06 10.70 20.44
N LYS C 203 36.88 11.25 21.32
CA LYS C 203 38.26 10.80 21.52
C LYS C 203 38.59 10.85 23.02
N THR C 204 39.11 9.75 23.55
CA THR C 204 39.67 9.68 24.93
C THR C 204 41.09 10.26 24.95
N GLY C 205 41.55 10.63 26.14
CA GLY C 205 42.96 10.99 26.39
C GLY C 205 43.31 10.71 27.84
N TYR C 206 44.57 10.39 28.11
CA TYR C 206 45.10 10.20 29.50
C TYR C 206 46.45 10.90 29.54
N SER C 207 46.51 12.06 30.18
CA SER C 207 47.76 12.85 30.34
C SER C 207 48.46 12.35 31.60
N THR C 208 49.60 11.66 31.47
CA THR C 208 50.33 11.08 32.63
C THR C 208 51.76 11.61 32.75
N ARG C 209 52.31 12.29 31.73
CA ARG C 209 53.76 12.62 31.71
C ARG C 209 54.08 13.85 32.57
N ILE C 210 53.13 14.77 32.75
CA ILE C 210 53.29 16.00 33.56
C ILE C 210 52.05 16.12 34.46
N GLU C 211 52.23 16.53 35.71
CA GLU C 211 51.10 16.66 36.65
C GLU C 211 50.26 17.86 36.23
N PRO C 212 48.95 17.91 36.54
CA PRO C 212 48.27 16.79 37.20
C PRO C 212 47.85 15.72 36.18
N LYS C 213 47.90 14.45 36.59
CA LYS C 213 47.46 13.34 35.72
C LYS C 213 45.95 13.47 35.55
N ILE C 214 45.47 13.57 34.31
CA ILE C 214 44.02 13.72 34.05
C ILE C 214 43.58 12.80 32.92
N GLY C 215 42.32 12.40 32.97
CA GLY C 215 41.61 11.76 31.86
C GLY C 215 40.72 12.75 31.14
N TRP C 216 40.64 12.61 29.82
CA TRP C 216 39.79 13.39 28.90
C TRP C 216 38.78 12.46 28.23
N TRP C 217 37.60 12.99 27.94
CA TRP C 217 36.70 12.51 26.85
C TRP C 217 36.04 13.72 26.20
N VAL C 218 36.28 13.91 24.92
CA VAL C 218 35.73 15.08 24.18
C VAL C 218 35.07 14.58 22.89
N GLY C 219 33.96 15.19 22.51
CA GLY C 219 33.25 14.82 21.28
C GLY C 219 31.85 15.37 21.27
N TRP C 220 30.91 14.59 20.75
CA TRP C 220 29.49 15.02 20.70
C TRP C 220 28.56 13.82 20.57
N VAL C 221 27.33 14.08 20.98
CA VAL C 221 26.17 13.16 20.87
C VAL C 221 25.26 13.69 19.77
N GLU C 222 25.12 12.95 18.69
CA GLU C 222 24.18 13.26 17.59
C GLU C 222 22.85 12.63 17.95
N LEU C 223 21.80 13.45 18.04
CA LEU C 223 20.39 13.02 18.16
C LEU C 223 19.72 13.26 16.82
N ASP C 224 18.47 12.81 16.69
CA ASP C 224 17.65 13.04 15.47
C ASP C 224 17.59 14.55 15.17
N ASP C 225 17.41 15.39 16.19
CA ASP C 225 17.00 16.81 16.00
C ASP C 225 17.95 17.79 16.71
N ASN C 226 19.10 17.33 17.22
CA ASN C 226 20.02 18.19 18.00
C ASN C 226 21.39 17.52 18.07
N VAL C 227 22.40 18.31 18.43
CA VAL C 227 23.78 17.83 18.71
C VAL C 227 24.17 18.40 20.07
N TRP C 228 24.64 17.54 20.96
CA TRP C 228 25.19 17.93 22.28
C TRP C 228 26.69 17.71 22.23
N PHE C 229 27.47 18.79 22.20
CA PHE C 229 28.94 18.71 22.32
C PHE C 229 29.28 18.51 23.79
N PHE C 230 30.34 17.76 24.04
CA PHE C 230 30.83 17.53 25.40
C PHE C 230 32.35 17.53 25.43
N ALA C 231 32.86 17.92 26.59
CA ALA C 231 34.29 17.86 26.94
C ALA C 231 34.36 17.69 28.45
N MET C 232 34.99 16.60 28.86
CA MET C 232 35.14 16.29 30.29
C MET C 232 36.62 16.01 30.54
N ASN C 233 37.09 16.43 31.71
CA ASN C 233 38.37 15.93 32.24
C ASN C 233 38.18 15.70 33.73
N MET C 234 39.02 14.83 34.27
CA MET C 234 38.92 14.39 35.67
C MET C 234 40.30 13.96 36.14
N ASP C 235 40.54 14.14 37.44
CA ASP C 235 41.80 13.70 38.08
C ASP C 235 41.88 12.18 37.89
N MET C 236 43.03 11.69 37.45
CA MET C 236 43.24 10.27 37.08
C MET C 236 44.60 9.84 37.64
N PRO C 237 44.71 9.66 38.98
CA PRO C 237 46.02 9.36 39.57
C PRO C 237 46.54 7.98 39.11
N THR C 238 45.64 7.03 38.81
CA THR C 238 46.00 5.71 38.23
C THR C 238 45.06 5.39 37.08
N SER C 239 45.45 4.41 36.26
CA SER C 239 44.69 3.90 35.11
C SER C 239 43.42 3.17 35.57
N ASP C 240 43.28 2.85 36.85
CA ASP C 240 42.12 2.08 37.39
CA ASP C 240 42.12 2.07 37.37
C ASP C 240 40.79 2.81 37.08
N GLY C 241 40.81 4.14 37.03
CA GLY C 241 39.57 4.91 36.90
C GLY C 241 39.25 5.33 35.46
N LEU C 242 39.95 4.81 34.47
CA LEU C 242 39.82 5.34 33.09
C LEU C 242 38.37 5.18 32.59
N GLY C 243 37.70 4.10 33.01
CA GLY C 243 36.30 3.82 32.64
C GLY C 243 35.36 4.91 33.13
N LEU C 244 35.76 5.66 34.15
CA LEU C 244 34.92 6.74 34.74
C LEU C 244 34.77 7.89 33.75
N ARG C 245 35.68 8.06 32.80
CA ARG C 245 35.56 9.16 31.80
C ARG C 245 34.21 9.04 31.09
N GLN C 246 33.92 7.87 30.53
CA GLN C 246 32.66 7.58 29.81
C GLN C 246 31.50 7.46 30.80
N ALA C 247 31.70 6.77 31.92
CA ALA C 247 30.59 6.45 32.84
C ALA C 247 30.04 7.75 33.44
N ILE C 248 30.90 8.66 33.89
CA ILE C 248 30.42 9.94 34.52
C ILE C 248 29.79 10.80 33.43
N THR C 249 30.40 10.92 32.25
CA THR C 249 29.78 11.68 31.14
C THR C 249 28.36 11.15 30.89
N LYS C 250 28.20 9.83 30.79
CA LYS C 250 26.88 9.24 30.48
C LYS C 250 25.90 9.48 31.62
N GLU C 251 26.35 9.50 32.87
CA GLU C 251 25.47 9.81 34.02
C GLU C 251 24.92 11.23 33.87
N VAL C 252 25.74 12.17 33.40
CA VAL C 252 25.31 13.58 33.17
C VAL C 252 24.35 13.60 31.96
N LEU C 253 24.74 12.98 30.85
CA LEU C 253 23.86 12.91 29.65
C LEU C 253 22.50 12.32 30.05
N LYS C 254 22.46 11.31 30.89
CA LYS C 254 21.19 10.67 31.30
C LYS C 254 20.38 11.62 32.19
N GLN C 255 21.03 12.26 33.17
CA GLN C 255 20.37 13.25 34.05
C GLN C 255 19.72 14.34 33.19
N GLU C 256 20.38 14.80 32.13
CA GLU C 256 19.87 15.89 31.26
C GLU C 256 18.90 15.34 30.20
N LYS C 257 18.55 14.05 30.22
CA LYS C 257 17.60 13.37 29.28
C LYS C 257 18.11 13.43 27.83
N ILE C 258 19.42 13.46 27.62
CA ILE C 258 20.04 13.51 26.26
C ILE C 258 20.06 12.07 25.71
N ILE C 259 20.31 11.10 26.58
CA ILE C 259 20.26 9.64 26.29
C ILE C 259 19.36 9.01 27.34
N PRO C 260 18.70 7.88 27.00
CA PRO C 260 17.83 7.16 27.95
C PRO C 260 18.60 6.27 28.94
N GLN D 16 -18.68 -35.45 -22.53
CA GLN D 16 -19.99 -36.18 -22.49
C GLN D 16 -20.73 -35.97 -23.82
N GLY D 17 -20.56 -34.81 -24.48
CA GLY D 17 -20.92 -34.57 -25.90
C GLY D 17 -22.43 -34.61 -26.17
N LYS D 18 -23.20 -35.24 -25.28
CA LYS D 18 -24.68 -35.39 -25.38
C LYS D 18 -25.35 -34.01 -25.20
N GLU D 19 -26.20 -33.62 -26.15
CA GLU D 19 -26.94 -32.33 -26.20
C GLU D 19 -27.84 -32.21 -24.96
N TRP D 20 -28.70 -33.21 -24.73
CA TRP D 20 -29.73 -33.23 -23.66
C TRP D 20 -29.59 -34.51 -22.85
N GLN D 21 -29.53 -34.42 -21.52
CA GLN D 21 -29.44 -35.59 -20.62
C GLN D 21 -30.61 -35.54 -19.64
N GLU D 22 -31.20 -36.70 -19.36
CA GLU D 22 -32.43 -36.77 -18.54
C GLU D 22 -31.99 -37.10 -17.12
N ASN D 23 -32.50 -36.35 -16.14
CA ASN D 23 -32.21 -36.59 -14.70
C ASN D 23 -33.55 -36.71 -13.98
N LYS D 24 -34.05 -37.93 -13.88
CA LYS D 24 -35.36 -38.20 -13.26
C LYS D 24 -35.34 -37.93 -11.75
N SER D 25 -34.17 -37.82 -11.11
CA SER D 25 -34.08 -37.54 -9.65
C SER D 25 -34.79 -36.22 -9.33
N TRP D 26 -34.83 -35.26 -10.26
CA TRP D 26 -35.49 -33.95 -10.02
C TRP D 26 -37.00 -34.15 -9.79
N ASN D 27 -37.59 -35.27 -10.28
CA ASN D 27 -39.04 -35.55 -10.10
C ASN D 27 -39.34 -35.58 -8.59
N ALA D 28 -38.36 -35.90 -7.75
CA ALA D 28 -38.55 -35.95 -6.29
C ALA D 28 -39.03 -34.57 -5.79
N HIS D 29 -38.57 -33.48 -6.41
CA HIS D 29 -38.91 -32.09 -5.99
C HIS D 29 -40.36 -31.80 -6.40
N PHE D 30 -40.79 -32.25 -7.58
CA PHE D 30 -42.21 -32.15 -8.01
C PHE D 30 -43.10 -32.96 -7.07
N THR D 31 -42.72 -34.20 -6.81
CA THR D 31 -43.54 -35.17 -6.03
C THR D 31 -43.69 -34.66 -4.59
N GLU D 32 -42.61 -34.15 -3.98
CA GLU D 32 -42.63 -33.56 -2.62
C GLU D 32 -43.77 -32.55 -2.50
N HIS D 33 -44.03 -31.78 -3.57
CA HIS D 33 -45.02 -30.68 -3.62
C HIS D 33 -46.30 -31.13 -4.34
N LYS D 34 -46.52 -32.44 -4.47
CA LYS D 34 -47.71 -33.03 -5.14
C LYS D 34 -47.95 -32.35 -6.48
N SER D 35 -46.90 -32.19 -7.27
CA SER D 35 -46.92 -31.39 -8.52
C SER D 35 -46.39 -32.23 -9.69
N GLN D 36 -46.61 -31.73 -10.90
CA GLN D 36 -46.08 -32.30 -12.15
C GLN D 36 -45.49 -31.16 -12.97
N GLY D 37 -44.32 -31.37 -13.55
CA GLY D 37 -43.82 -30.42 -14.55
C GLY D 37 -42.42 -30.76 -14.97
N VAL D 38 -41.76 -29.80 -15.61
CA VAL D 38 -40.40 -29.98 -16.15
C VAL D 38 -39.53 -28.80 -15.72
N VAL D 39 -38.28 -29.09 -15.38
CA VAL D 39 -37.18 -28.09 -15.35
C VAL D 39 -36.19 -28.44 -16.45
N VAL D 40 -35.81 -27.46 -17.24
CA VAL D 40 -34.70 -27.57 -18.23
C VAL D 40 -33.58 -26.62 -17.80
N LEU D 41 -32.35 -27.11 -17.74
CA LEU D 41 -31.12 -26.29 -17.49
C LEU D 41 -30.23 -26.38 -18.72
N TRP D 42 -29.51 -25.30 -19.00
CA TRP D 42 -28.47 -25.26 -20.04
C TRP D 42 -27.21 -24.63 -19.45
N ASN D 43 -26.13 -25.41 -19.43
CA ASN D 43 -24.78 -24.99 -18.99
C ASN D 43 -24.14 -24.29 -20.18
N GLU D 44 -23.98 -22.97 -20.15
CA GLU D 44 -23.51 -22.20 -21.33
C GLU D 44 -22.05 -22.58 -21.64
N ASN D 45 -21.22 -22.72 -20.62
CA ASN D 45 -19.77 -23.01 -20.83
C ASN D 45 -19.64 -24.37 -21.53
N LYS D 46 -20.36 -25.39 -21.06
CA LYS D 46 -20.23 -26.80 -21.56
C LYS D 46 -21.12 -27.04 -22.76
N GLN D 47 -22.08 -26.16 -23.06
CA GLN D 47 -23.05 -26.32 -24.17
C GLN D 47 -23.78 -27.66 -24.00
N GLN D 48 -24.25 -27.93 -22.77
CA GLN D 48 -24.97 -29.18 -22.40
C GLN D 48 -26.27 -28.84 -21.68
N GLY D 49 -27.34 -29.56 -22.00
CA GLY D 49 -28.67 -29.37 -21.40
C GLY D 49 -29.02 -30.53 -20.48
N PHE D 50 -29.87 -30.28 -19.49
CA PHE D 50 -30.31 -31.27 -18.48
C PHE D 50 -31.79 -31.05 -18.23
N THR D 51 -32.59 -32.11 -18.10
CA THR D 51 -34.03 -32.00 -17.79
C THR D 51 -34.52 -33.25 -17.05
N ASN D 52 -35.60 -33.12 -16.28
CA ASN D 52 -36.19 -34.29 -15.61
C ASN D 52 -37.11 -35.04 -16.60
N ASN D 53 -37.42 -34.46 -17.76
CA ASN D 53 -38.47 -35.02 -18.66
C ASN D 53 -38.25 -34.47 -20.08
N LEU D 54 -37.49 -35.21 -20.89
CA LEU D 54 -37.12 -34.83 -22.28
C LEU D 54 -38.38 -34.54 -23.11
N LYS D 55 -39.44 -35.33 -22.93
CA LYS D 55 -40.71 -35.12 -23.70
C LYS D 55 -41.34 -33.79 -23.28
N ARG D 56 -41.60 -33.59 -21.99
CA ARG D 56 -42.29 -32.33 -21.56
C ARG D 56 -41.40 -31.10 -21.81
N ALA D 57 -40.08 -31.26 -21.81
CA ALA D 57 -39.10 -30.19 -22.11
C ALA D 57 -39.38 -29.65 -23.50
N ASN D 58 -39.92 -30.47 -24.40
CA ASN D 58 -40.13 -30.08 -25.82
C ASN D 58 -41.62 -29.92 -26.12
N GLN D 59 -42.48 -29.99 -25.11
CA GLN D 59 -43.93 -29.73 -25.28
C GLN D 59 -44.18 -28.23 -25.25
N ALA D 60 -44.92 -27.73 -26.24
CA ALA D 60 -45.17 -26.29 -26.42
C ALA D 60 -46.50 -25.88 -25.77
N PHE D 61 -46.45 -24.78 -25.04
CA PHE D 61 -47.61 -24.19 -24.33
C PHE D 61 -47.72 -22.71 -24.66
N LEU D 62 -48.86 -22.12 -24.34
CA LEU D 62 -49.02 -20.65 -24.35
C LEU D 62 -47.93 -20.07 -23.45
N PRO D 63 -47.21 -19.03 -23.92
CA PRO D 63 -46.19 -18.40 -23.09
C PRO D 63 -46.74 -17.58 -21.90
N ALA D 64 -47.99 -17.09 -22.01
CA ALA D 64 -48.61 -16.17 -21.03
C ALA D 64 -47.60 -15.06 -20.71
N SER D 65 -47.38 -14.71 -19.43
CA SER D 65 -46.57 -13.52 -19.09
C SER D 65 -45.08 -13.71 -19.46
N THR D 66 -44.60 -14.91 -19.82
CA THR D 66 -43.20 -15.05 -20.27
C THR D 66 -43.09 -14.28 -21.58
N PHE D 67 -44.22 -14.04 -22.24
CA PHE D 67 -44.26 -13.26 -23.51
C PHE D 67 -43.89 -11.80 -23.25
N ILE D 69 -41.20 -10.80 -22.12
CA ILE D 69 -39.83 -10.59 -22.53
C ILE D 69 -39.82 -10.12 -23.99
N PRO D 70 -40.27 -10.91 -25.00
CA PRO D 70 -40.21 -10.42 -26.38
C PRO D 70 -41.05 -9.15 -26.61
N ASN D 71 -42.20 -9.05 -25.97
CA ASN D 71 -43.12 -7.89 -26.11
C ASN D 71 -42.37 -6.61 -25.67
N SER D 72 -41.69 -6.65 -24.53
CA SER D 72 -40.85 -5.52 -24.03
C SER D 72 -39.83 -5.17 -25.09
N LEU D 73 -39.12 -6.17 -25.62
CA LEU D 73 -38.04 -5.92 -26.60
C LEU D 73 -38.60 -5.19 -27.80
N ILE D 74 -39.74 -5.66 -28.31
CA ILE D 74 -40.34 -5.11 -29.57
C ILE D 74 -40.85 -3.68 -29.26
N ALA D 75 -41.52 -3.48 -28.14
CA ALA D 75 -42.05 -2.15 -27.71
C ALA D 75 -40.90 -1.14 -27.61
N LEU D 76 -39.77 -1.52 -26.97
CA LEU D 76 -38.57 -0.63 -26.85
C LEU D 76 -38.00 -0.38 -28.23
N ASP D 77 -37.88 -1.41 -29.06
CA ASP D 77 -37.14 -1.27 -30.34
C ASP D 77 -37.90 -0.32 -31.27
N LEU D 78 -39.22 -0.33 -31.20
CA LEU D 78 -40.10 0.47 -32.09
C LEU D 78 -40.38 1.85 -31.46
N GLY D 79 -39.96 2.10 -30.23
CA GLY D 79 -40.16 3.42 -29.59
C GLY D 79 -41.53 3.56 -28.99
N VAL D 80 -42.29 2.47 -28.89
CA VAL D 80 -43.58 2.41 -28.18
C VAL D 80 -43.30 2.66 -26.69
N VAL D 81 -42.22 2.08 -26.17
CA VAL D 81 -41.69 2.40 -24.81
C VAL D 81 -40.39 3.19 -25.02
N LYS D 82 -40.35 4.42 -24.49
CA LYS D 82 -39.18 5.32 -24.64
C LYS D 82 -38.01 4.75 -23.82
N ASP D 83 -38.26 4.35 -22.58
CA ASP D 83 -37.23 3.88 -21.63
C ASP D 83 -37.96 3.24 -20.45
N GLU D 84 -37.18 2.76 -19.47
CA GLU D 84 -37.69 2.00 -18.31
C GLU D 84 -38.32 2.92 -17.26
N HIS D 85 -38.33 4.25 -17.47
CA HIS D 85 -38.89 5.25 -16.53
C HIS D 85 -40.26 5.75 -17.00
N GLN D 86 -40.56 5.64 -18.29
CA GLN D 86 -41.84 6.12 -18.87
C GLN D 86 -42.99 5.50 -18.09
N VAL D 87 -43.93 6.35 -17.70
CA VAL D 87 -45.08 5.94 -16.83
C VAL D 87 -46.24 5.55 -17.76
N PHE D 88 -46.84 4.39 -17.49
CA PHE D 88 -48.06 3.89 -18.16
C PHE D 88 -49.18 4.04 -17.14
N LYS D 89 -50.03 5.03 -17.38
CA LYS D 89 -51.10 5.45 -16.45
C LYS D 89 -52.15 4.36 -16.42
N TRP D 90 -52.55 3.95 -15.22
CA TRP D 90 -53.70 3.05 -15.02
C TRP D 90 -54.90 3.59 -15.81
N ASP D 91 -55.61 2.71 -16.54
CA ASP D 91 -56.78 3.11 -17.37
C ASP D 91 -58.02 3.35 -16.50
N GLY D 92 -57.91 3.10 -15.19
CA GLY D 92 -58.97 3.38 -14.20
C GLY D 92 -59.99 2.26 -14.10
N GLN D 93 -59.73 1.11 -14.73
CA GLN D 93 -60.59 -0.10 -14.63
C GLN D 93 -60.04 -0.98 -13.51
N THR D 94 -60.79 -1.18 -12.43
CA THR D 94 -60.38 -2.04 -11.30
C THR D 94 -60.34 -3.49 -11.80
N ARG D 95 -59.18 -4.13 -11.67
CA ARG D 95 -58.99 -5.56 -12.01
C ARG D 95 -58.71 -6.32 -10.72
N ASP D 96 -58.65 -7.64 -10.83
CA ASP D 96 -58.62 -8.63 -9.72
C ASP D 96 -57.27 -8.59 -8.99
N ILE D 97 -56.21 -8.21 -9.70
CA ILE D 97 -54.83 -8.15 -9.14
C ILE D 97 -54.60 -6.70 -8.70
N ALA D 98 -54.56 -6.46 -7.39
CA ALA D 98 -54.44 -5.12 -6.76
C ALA D 98 -53.30 -4.33 -7.42
N THR D 99 -52.12 -4.96 -7.58
CA THR D 99 -50.88 -4.31 -8.07
C THR D 99 -51.08 -3.77 -9.48
N TRP D 100 -52.10 -4.22 -10.22
CA TRP D 100 -52.36 -3.73 -11.61
C TRP D 100 -53.10 -2.40 -11.60
N ASN D 101 -53.77 -2.05 -10.49
CA ASN D 101 -54.69 -0.88 -10.41
C ASN D 101 -53.92 0.36 -9.96
N ARG D 102 -52.87 0.72 -10.71
CA ARG D 102 -51.96 1.85 -10.40
CA ARG D 102 -51.97 1.87 -10.40
C ARG D 102 -51.06 2.11 -11.61
N ASP D 103 -50.33 3.23 -11.59
CA ASP D 103 -49.37 3.58 -12.65
C ASP D 103 -48.18 2.60 -12.56
N HIS D 104 -47.55 2.36 -13.69
CA HIS D 104 -46.39 1.43 -13.81
C HIS D 104 -45.39 2.00 -14.78
N ASN D 105 -44.14 1.59 -14.61
CA ASN D 105 -43.12 1.75 -15.68
C ASN D 105 -42.75 0.33 -16.16
N LEU D 106 -41.79 0.20 -17.06
CA LEU D 106 -41.39 -1.13 -17.59
C LEU D 106 -40.93 -2.03 -16.44
N ILE D 107 -40.20 -1.49 -15.47
CA ILE D 107 -39.64 -2.33 -14.38
C ILE D 107 -40.77 -2.93 -13.56
N THR D 108 -41.72 -2.11 -13.10
CA THR D 108 -42.79 -2.58 -12.19
C THR D 108 -43.83 -3.35 -13.02
N ALA D 109 -44.05 -2.99 -14.28
CA ALA D 109 -45.00 -3.73 -15.17
C ALA D 109 -44.47 -5.16 -15.37
N MET D 110 -43.16 -5.34 -15.55
CA MET D 110 -42.57 -6.70 -15.67
CA MET D 110 -42.60 -6.71 -15.67
C MET D 110 -42.72 -7.41 -14.32
N LYS D 111 -42.33 -6.74 -13.24
CA LYS D 111 -42.27 -7.33 -11.87
C LYS D 111 -43.66 -7.87 -11.49
N TYR D 112 -44.70 -7.10 -11.75
CA TYR D 112 -46.09 -7.43 -11.31
C TYR D 112 -46.88 -8.02 -12.48
N SER D 113 -46.24 -8.34 -13.60
CA SER D 113 -46.89 -9.01 -14.78
C SER D 113 -48.16 -8.24 -15.13
N VAL D 114 -48.04 -6.94 -15.43
CA VAL D 114 -49.23 -6.06 -15.58
C VAL D 114 -49.76 -6.17 -17.00
N VAL D 115 -50.66 -7.14 -17.22
CA VAL D 115 -51.18 -7.51 -18.57
C VAL D 115 -51.69 -6.28 -19.31
N PRO D 116 -52.54 -5.42 -18.69
CA PRO D 116 -53.15 -4.31 -19.42
C PRO D 116 -52.16 -3.38 -20.10
N VAL D 117 -51.01 -3.15 -19.44
CA VAL D 117 -49.94 -2.30 -20.01
C VAL D 117 -49.40 -2.96 -21.29
N TYR D 118 -49.15 -4.26 -21.23
CA TYR D 118 -48.58 -5.04 -22.35
C TYR D 118 -49.61 -5.21 -23.48
N GLN D 119 -50.89 -5.25 -23.14
CA GLN D 119 -51.95 -5.28 -24.19
C GLN D 119 -51.89 -3.98 -24.99
N GLU D 120 -51.65 -2.85 -24.32
CA GLU D 120 -51.55 -1.54 -25.00
C GLU D 120 -50.32 -1.54 -25.90
N PHE D 121 -49.17 -2.03 -25.40
CA PHE D 121 -47.93 -2.17 -26.22
C PHE D 121 -48.29 -2.95 -27.52
N ALA D 122 -48.96 -4.08 -27.34
CA ALA D 122 -49.28 -5.02 -28.46
C ALA D 122 -50.12 -4.30 -29.52
N ARG D 123 -51.14 -3.53 -29.08
CA ARG D 123 -52.02 -2.74 -29.98
C ARG D 123 -51.16 -1.75 -30.77
N GLN D 124 -50.22 -1.07 -30.11
CA GLN D 124 -49.39 -0.05 -30.82
C GLN D 124 -48.38 -0.74 -31.70
N ILE D 125 -47.85 -1.89 -31.31
CA ILE D 125 -46.91 -2.63 -32.20
C ILE D 125 -47.67 -3.03 -33.47
N GLY D 126 -48.85 -3.65 -33.29
CA GLY D 126 -49.73 -4.08 -34.40
C GLY D 126 -49.31 -5.42 -34.98
N GLU D 127 -50.24 -6.10 -35.67
CA GLU D 127 -50.08 -7.52 -36.12
C GLU D 127 -48.88 -7.66 -37.05
N ALA D 128 -48.75 -6.81 -38.07
CA ALA D 128 -47.70 -6.99 -39.10
C ALA D 128 -46.32 -6.97 -38.42
N ARG D 129 -46.07 -5.99 -37.56
CA ARG D 129 -44.73 -5.79 -36.93
C ARG D 129 -44.52 -6.88 -35.86
N MET D 130 -45.55 -7.26 -35.11
CA MET D 130 -45.47 -8.32 -34.07
C MET D 130 -45.03 -9.62 -34.75
N SER D 131 -45.68 -9.97 -35.87
CA SER D 131 -45.45 -11.23 -36.60
C SER D 131 -44.02 -11.24 -37.16
N LYS D 132 -43.62 -10.18 -37.86
CA LYS D 132 -42.24 -10.03 -38.39
C LYS D 132 -41.21 -10.25 -37.27
N MET D 133 -41.43 -9.64 -36.11
CA MET D 133 -40.42 -9.67 -35.00
C MET D 133 -40.33 -11.08 -34.44
N LEU D 134 -41.45 -11.77 -34.25
CA LEU D 134 -41.40 -13.13 -33.66
C LEU D 134 -40.74 -14.10 -34.67
N HIS D 135 -40.90 -13.87 -35.97
CA HIS D 135 -40.20 -14.67 -36.99
C HIS D 135 -38.70 -14.39 -36.86
N ALA D 136 -38.30 -13.12 -36.79
CA ALA D 136 -36.88 -12.71 -36.65
C ALA D 136 -36.30 -13.34 -35.37
N PHE D 137 -37.10 -13.45 -34.32
CA PHE D 137 -36.65 -14.04 -33.01
C PHE D 137 -36.65 -15.57 -33.03
N ASP D 138 -37.23 -16.21 -34.06
CA ASP D 138 -37.35 -17.68 -34.15
C ASP D 138 -38.13 -18.14 -32.92
N TYR D 139 -39.12 -17.34 -32.50
CA TYR D 139 -39.82 -17.51 -31.20
C TYR D 139 -40.93 -18.55 -31.30
N GLY D 140 -40.75 -19.68 -30.60
CA GLY D 140 -41.76 -20.76 -30.53
C GLY D 140 -42.30 -21.14 -31.90
N ASN D 141 -43.62 -21.23 -32.07
CA ASN D 141 -44.22 -21.58 -33.39
C ASN D 141 -44.44 -20.31 -34.22
N GLU D 142 -44.05 -19.13 -33.72
CA GLU D 142 -44.07 -17.84 -34.48
C GLU D 142 -45.50 -17.47 -34.91
N ASP D 143 -46.52 -18.03 -34.27
CA ASP D 143 -47.94 -17.89 -34.69
C ASP D 143 -48.66 -16.90 -33.78
N ILE D 144 -49.03 -15.73 -34.29
CA ILE D 144 -49.77 -14.70 -33.49
C ILE D 144 -51.27 -14.74 -33.77
N SER D 145 -51.79 -15.79 -34.41
CA SER D 145 -53.24 -15.89 -34.73
C SER D 145 -54.04 -15.67 -33.43
N GLY D 146 -55.13 -14.92 -33.54
CA GLY D 146 -56.01 -14.52 -32.43
C GLY D 146 -56.03 -13.02 -32.29
N ASN D 147 -56.38 -12.49 -31.13
CA ASN D 147 -56.40 -11.02 -30.92
C ASN D 147 -54.97 -10.50 -30.74
N VAL D 148 -54.63 -9.41 -31.42
CA VAL D 148 -53.26 -8.81 -31.38
C VAL D 148 -52.91 -8.47 -29.94
N ASP D 149 -53.91 -8.22 -29.09
CA ASP D 149 -53.65 -7.79 -27.69
C ASP D 149 -53.91 -8.94 -26.71
N SER D 150 -54.12 -10.19 -27.15
CA SER D 150 -54.22 -11.32 -26.18
C SER D 150 -53.66 -12.65 -26.72
N PHE D 151 -53.03 -12.69 -27.88
CA PHE D 151 -52.66 -13.98 -28.54
C PHE D 151 -51.73 -14.83 -27.68
N TRP D 152 -50.91 -14.22 -26.80
CA TRP D 152 -49.97 -14.94 -25.90
C TRP D 152 -50.73 -15.53 -24.72
N LEU D 153 -52.02 -15.20 -24.59
CA LEU D 153 -52.88 -15.69 -23.48
C LEU D 153 -53.94 -16.69 -24.01
N ASP D 154 -54.45 -16.48 -25.22
CA ASP D 154 -55.57 -17.32 -25.72
C ASP D 154 -55.57 -17.43 -27.25
N GLY D 155 -54.46 -17.11 -27.90
CA GLY D 155 -54.31 -17.24 -29.36
C GLY D 155 -53.46 -18.46 -29.73
N GLY D 156 -52.76 -18.38 -30.85
CA GLY D 156 -52.09 -19.53 -31.50
C GLY D 156 -50.65 -19.73 -31.08
N ILE D 157 -50.02 -18.75 -30.41
CA ILE D 157 -48.55 -18.82 -30.09
C ILE D 157 -48.30 -19.97 -29.11
N ARG D 158 -47.31 -20.79 -29.39
CA ARG D 158 -46.90 -21.92 -28.49
C ARG D 158 -45.37 -21.96 -28.45
N ILE D 159 -44.82 -22.26 -27.28
CA ILE D 159 -43.35 -22.32 -27.05
C ILE D 159 -43.08 -23.36 -25.97
N SER D 160 -42.03 -24.17 -26.20
CA SER D 160 -41.56 -25.20 -25.27
C SER D 160 -40.50 -24.61 -24.33
N ALA D 161 -40.20 -25.32 -23.24
CA ALA D 161 -39.10 -24.97 -22.33
C ALA D 161 -37.76 -24.88 -23.07
N THR D 162 -37.44 -25.82 -23.97
CA THR D 162 -36.15 -25.78 -24.71
C THR D 162 -36.15 -24.59 -25.67
N GLU D 163 -37.28 -24.26 -26.26
CA GLU D 163 -37.39 -23.07 -27.16
C GLU D 163 -37.24 -21.76 -26.35
N GLN D 164 -37.71 -21.71 -25.12
CA GLN D 164 -37.53 -20.54 -24.20
C GLN D 164 -36.01 -20.36 -23.99
N ILE D 165 -35.30 -21.46 -23.75
CA ILE D 165 -33.83 -21.41 -23.51
C ILE D 165 -33.13 -20.87 -24.77
N SER D 166 -33.51 -21.33 -25.94
CA SER D 166 -32.89 -20.90 -27.22
CA SER D 166 -32.88 -20.90 -27.22
C SER D 166 -33.06 -19.40 -27.37
N PHE D 167 -34.27 -18.90 -27.10
CA PHE D 167 -34.60 -17.47 -27.18
C PHE D 167 -33.80 -16.68 -26.15
N LEU D 168 -33.75 -17.16 -24.90
CA LEU D 168 -33.03 -16.46 -23.81
C LEU D 168 -31.54 -16.40 -24.09
N ARG D 169 -30.94 -17.43 -24.69
CA ARG D 169 -29.49 -17.40 -24.99
C ARG D 169 -29.24 -16.26 -25.98
N LYS D 170 -30.10 -16.08 -26.96
CA LYS D 170 -29.91 -14.97 -27.93
C LYS D 170 -29.99 -13.64 -27.19
N LEU D 171 -30.97 -13.48 -26.29
CA LEU D 171 -31.13 -12.23 -25.50
C LEU D 171 -29.87 -11.99 -24.64
N TYR D 172 -29.40 -13.02 -23.93
CA TYR D 172 -28.21 -12.92 -23.06
C TYR D 172 -27.02 -12.40 -23.86
N HIS D 173 -26.84 -12.87 -25.10
CA HIS D 173 -25.68 -12.54 -25.96
C HIS D 173 -25.96 -11.31 -26.84
N ASN D 174 -27.07 -10.59 -26.65
CA ASN D 174 -27.46 -9.42 -27.48
C ASN D 174 -27.53 -9.81 -28.96
N LYS D 175 -27.96 -11.03 -29.28
CA LYS D 175 -27.98 -11.53 -30.67
C LYS D 175 -29.37 -11.39 -31.31
N LEU D 176 -30.39 -10.96 -30.58
CA LEU D 176 -31.74 -10.80 -31.19
C LEU D 176 -31.69 -9.61 -32.15
N HIS D 177 -32.56 -9.59 -33.16
CA HIS D 177 -32.56 -8.54 -34.21
CA HIS D 177 -32.56 -8.54 -34.21
C HIS D 177 -33.38 -7.35 -33.69
N VAL D 178 -32.90 -6.75 -32.62
CA VAL D 178 -33.34 -5.45 -32.05
C VAL D 178 -32.08 -4.78 -31.51
N SER D 179 -32.14 -3.52 -31.11
CA SER D 179 -30.97 -2.71 -30.69
C SER D 179 -30.33 -3.39 -29.48
N GLU D 180 -29.02 -3.22 -29.31
CA GLU D 180 -28.36 -3.61 -28.03
C GLU D 180 -29.10 -2.96 -26.85
N ARG D 181 -29.42 -1.67 -26.95
CA ARG D 181 -30.11 -0.90 -25.87
C ARG D 181 -31.39 -1.61 -25.44
N SER D 182 -32.25 -2.02 -26.38
CA SER D 182 -33.52 -2.73 -26.08
C SER D 182 -33.22 -3.97 -25.25
N GLN D 183 -32.20 -4.73 -25.66
CA GLN D 183 -31.84 -6.00 -25.00
C GLN D 183 -31.32 -5.70 -23.59
N ARG D 184 -30.48 -4.68 -23.42
CA ARG D 184 -29.94 -4.31 -22.08
C ARG D 184 -31.07 -3.88 -21.14
N ILE D 185 -32.02 -3.08 -21.64
CA ILE D 185 -33.14 -2.58 -20.80
C ILE D 185 -34.01 -3.77 -20.35
N VAL D 186 -34.34 -4.69 -21.27
CA VAL D 186 -35.20 -5.84 -20.88
C VAL D 186 -34.45 -6.72 -19.87
N LYS D 187 -33.15 -6.93 -20.05
CA LYS D 187 -32.36 -7.76 -19.10
C LYS D 187 -32.35 -7.07 -17.73
N GLN D 188 -32.29 -5.75 -17.70
CA GLN D 188 -32.44 -5.00 -16.43
C GLN D 188 -33.84 -5.26 -15.85
N ALA D 189 -34.89 -5.12 -16.66
CA ALA D 189 -36.29 -5.34 -16.23
C ALA D 189 -36.50 -6.79 -15.73
N MET D 190 -35.69 -7.76 -16.20
CA MET D 190 -35.83 -9.18 -15.77
C MET D 190 -35.22 -9.43 -14.39
N LEU D 191 -34.46 -8.48 -13.84
CA LEU D 191 -33.71 -8.72 -12.59
C LEU D 191 -34.68 -9.17 -11.52
N THR D 192 -34.41 -10.31 -10.89
CA THR D 192 -35.33 -10.93 -9.92
C THR D 192 -34.65 -11.10 -8.57
N GLU D 193 -33.40 -11.51 -8.57
CA GLU D 193 -32.66 -11.84 -7.33
C GLU D 193 -31.17 -11.61 -7.58
N ALA D 194 -30.44 -11.13 -6.59
CA ALA D 194 -28.97 -11.02 -6.64
C ALA D 194 -28.38 -11.03 -5.24
N ASN D 195 -27.22 -11.66 -5.14
CA ASN D 195 -26.39 -11.64 -3.91
C ASN D 195 -24.95 -11.86 -4.36
N GLY D 196 -24.06 -12.11 -3.40
CA GLY D 196 -22.63 -12.31 -3.68
C GLY D 196 -22.30 -13.62 -4.37
N ASP D 197 -23.26 -14.57 -4.47
CA ASP D 197 -23.05 -15.89 -5.14
C ASP D 197 -23.70 -15.95 -6.53
N TYR D 198 -24.82 -15.28 -6.78
CA TYR D 198 -25.50 -15.41 -8.08
C TYR D 198 -26.46 -14.26 -8.35
N ILE D 199 -26.79 -14.11 -9.62
CA ILE D 199 -27.82 -13.17 -10.12
C ILE D 199 -28.84 -13.99 -10.91
N ILE D 200 -30.13 -13.80 -10.64
CA ILE D 200 -31.22 -14.39 -11.45
C ILE D 200 -31.92 -13.29 -12.22
N ARG D 201 -31.93 -13.41 -13.55
CA ARG D 201 -32.82 -12.63 -14.42
C ARG D 201 -33.87 -13.61 -14.96
N ALA D 202 -35.16 -13.30 -14.82
CA ALA D 202 -36.23 -14.26 -15.09
C ALA D 202 -37.58 -13.57 -15.25
N LYS D 203 -38.55 -14.35 -15.74
CA LYS D 203 -39.94 -13.91 -15.89
C LYS D 203 -40.88 -15.08 -15.58
N THR D 204 -41.84 -14.84 -14.69
CA THR D 204 -42.94 -15.79 -14.35
C THR D 204 -44.03 -15.72 -15.43
N GLY D 205 -44.84 -16.76 -15.51
CA GLY D 205 -46.06 -16.78 -16.33
C GLY D 205 -47.09 -17.70 -15.69
N TYR D 206 -48.39 -17.41 -15.89
CA TYR D 206 -49.50 -18.31 -15.48
C TYR D 206 -50.51 -18.33 -16.60
N SER D 207 -50.54 -19.42 -17.37
CA SER D 207 -51.50 -19.62 -18.49
C SER D 207 -52.78 -20.21 -17.92
N THR D 208 -53.89 -19.45 -17.93
CA THR D 208 -55.18 -19.89 -17.33
C THR D 208 -56.32 -19.90 -18.33
N ARG D 209 -56.19 -19.28 -19.51
CA ARG D 209 -57.35 -19.06 -20.42
C ARG D 209 -57.65 -20.30 -21.27
N ILE D 210 -56.66 -21.17 -21.51
CA ILE D 210 -56.83 -22.41 -22.32
C ILE D 210 -56.19 -23.54 -21.53
N GLU D 211 -56.82 -24.71 -21.48
CA GLU D 211 -56.29 -25.87 -20.71
C GLU D 211 -55.10 -26.45 -21.47
N PRO D 212 -54.14 -27.10 -20.78
CA PRO D 212 -54.12 -27.17 -19.32
C PRO D 212 -53.51 -25.90 -18.71
N LYS D 213 -54.04 -25.49 -17.56
CA LYS D 213 -53.49 -24.33 -16.82
C LYS D 213 -52.06 -24.68 -16.37
N ILE D 214 -51.09 -23.84 -16.73
CA ILE D 214 -49.68 -24.10 -16.31
C ILE D 214 -49.02 -22.83 -15.78
N GLY D 215 -48.04 -23.02 -14.90
CA GLY D 215 -47.10 -21.98 -14.44
C GLY D 215 -45.74 -22.12 -15.13
N TRP D 216 -45.13 -20.99 -15.47
CA TRP D 216 -43.79 -20.86 -16.08
C TRP D 216 -42.86 -20.11 -15.14
N TRP D 217 -41.57 -20.43 -15.22
CA TRP D 217 -40.45 -19.55 -14.79
C TRP D 217 -39.27 -19.80 -15.73
N VAL D 218 -38.87 -18.77 -16.47
CA VAL D 218 -37.79 -18.88 -17.48
C VAL D 218 -36.80 -17.72 -17.27
N GLY D 219 -35.53 -18.01 -17.47
CA GLY D 219 -34.48 -16.99 -17.32
C GLY D 219 -33.12 -17.62 -17.22
N TRP D 220 -32.24 -17.05 -16.39
CA TRP D 220 -30.89 -17.60 -16.20
C TRP D 220 -30.29 -17.17 -14.88
N VAL D 221 -29.29 -17.93 -14.46
CA VAL D 221 -28.43 -17.70 -13.29
C VAL D 221 -27.05 -17.29 -13.79
N GLU D 222 -26.66 -16.05 -13.49
CA GLU D 222 -25.29 -15.54 -13.77
C GLU D 222 -24.39 -15.89 -12.59
N LEU D 223 -23.33 -16.63 -12.85
CA LEU D 223 -22.24 -16.90 -11.88
C LEU D 223 -21.02 -16.08 -12.31
N ASP D 224 -19.99 -16.05 -11.47
CA ASP D 224 -18.71 -15.39 -11.80
C ASP D 224 -18.17 -15.90 -13.15
N ASP D 225 -18.26 -17.21 -13.40
CA ASP D 225 -17.51 -17.89 -14.50
C ASP D 225 -18.40 -18.71 -15.42
N ASN D 226 -19.72 -18.62 -15.30
CA ASN D 226 -20.67 -19.41 -16.14
C ASN D 226 -22.04 -18.76 -16.10
N VAL D 227 -22.89 -19.16 -17.03
CA VAL D 227 -24.33 -18.80 -17.06
C VAL D 227 -25.11 -20.10 -17.20
N TRP D 228 -26.10 -20.30 -16.34
CA TRP D 228 -27.04 -21.43 -16.41
C TRP D 228 -28.39 -20.90 -16.82
N PHE D 229 -28.83 -21.21 -18.05
CA PHE D 229 -30.20 -20.89 -18.51
C PHE D 229 -31.16 -21.92 -17.91
N PHE D 230 -32.36 -21.48 -17.59
CA PHE D 230 -33.42 -22.39 -17.10
C PHE D 230 -34.76 -22.01 -17.71
N ALA D 231 -35.61 -23.03 -17.83
CA ALA D 231 -37.03 -22.89 -18.21
C ALA D 231 -37.77 -24.05 -17.55
N MET D 232 -38.76 -23.69 -16.75
CA MET D 232 -39.62 -24.67 -16.08
C MET D 232 -41.08 -24.34 -16.38
N ASN D 233 -41.90 -25.37 -16.49
CA ASN D 233 -43.37 -25.22 -16.42
C ASN D 233 -43.92 -26.38 -15.60
N MET D 234 -45.10 -26.17 -15.05
CA MET D 234 -45.74 -27.14 -14.14
C MET D 234 -47.25 -26.93 -14.19
N ASP D 235 -47.98 -28.02 -13.98
CA ASP D 235 -49.47 -27.99 -13.90
C ASP D 235 -49.83 -27.07 -12.74
N MET D 236 -50.76 -26.15 -12.98
CA MET D 236 -51.14 -25.09 -12.01
C MET D 236 -52.67 -24.95 -12.01
N PRO D 237 -53.40 -25.93 -11.43
CA PRO D 237 -54.86 -25.91 -11.50
C PRO D 237 -55.45 -24.69 -10.77
N THR D 238 -54.79 -24.20 -9.73
CA THR D 238 -55.18 -22.98 -8.97
C THR D 238 -53.95 -22.09 -8.73
N SER D 239 -54.20 -20.84 -8.39
CA SER D 239 -53.15 -19.84 -8.08
C SER D 239 -52.44 -20.18 -6.76
N ASP D 240 -52.98 -21.11 -5.95
CA ASP D 240 -52.40 -21.49 -4.64
C ASP D 240 -50.93 -21.95 -4.79
N GLY D 241 -50.58 -22.58 -5.91
CA GLY D 241 -49.26 -23.23 -6.06
C GLY D 241 -48.24 -22.35 -6.76
N LEU D 242 -48.54 -21.09 -7.04
CA LEU D 242 -47.68 -20.27 -7.93
C LEU D 242 -46.25 -20.17 -7.35
N GLY D 243 -46.11 -20.13 -6.02
CA GLY D 243 -44.81 -20.07 -5.33
C GLY D 243 -43.93 -21.28 -5.65
N LEU D 244 -44.54 -22.39 -6.05
CA LEU D 244 -43.79 -23.64 -6.37
C LEU D 244 -42.93 -23.44 -7.63
N ARG D 245 -43.27 -22.50 -8.51
CA ARG D 245 -42.47 -22.30 -9.76
C ARG D 245 -41.01 -22.02 -9.34
N GLN D 246 -40.81 -21.04 -8.46
CA GLN D 246 -39.47 -20.63 -7.98
C GLN D 246 -38.93 -21.70 -7.03
N ALA D 247 -39.76 -22.21 -6.12
CA ALA D 247 -39.26 -23.12 -5.04
C ALA D 247 -38.69 -24.41 -5.67
N ILE D 248 -39.40 -25.02 -6.63
CA ILE D 248 -38.94 -26.27 -7.27
C ILE D 248 -37.69 -25.96 -8.10
N THR D 249 -37.69 -24.88 -8.88
CA THR D 249 -36.49 -24.52 -9.67
C THR D 249 -35.28 -24.40 -8.74
N LYS D 250 -35.44 -23.72 -7.60
CA LYS D 250 -34.30 -23.52 -6.67
C LYS D 250 -33.83 -24.85 -6.07
N GLU D 251 -34.75 -25.78 -5.83
CA GLU D 251 -34.38 -27.13 -5.32
C GLU D 251 -33.47 -27.83 -6.36
N VAL D 252 -33.77 -27.68 -7.65
CA VAL D 252 -32.96 -28.28 -8.75
C VAL D 252 -31.61 -27.54 -8.83
N LEU D 253 -31.62 -26.22 -8.83
CA LEU D 253 -30.37 -25.42 -8.90
C LEU D 253 -29.47 -25.81 -7.72
N LYS D 254 -30.03 -26.01 -6.53
CA LYS D 254 -29.21 -26.42 -5.35
C LYS D 254 -28.65 -27.83 -5.54
N GLN D 255 -29.50 -28.77 -5.98
CA GLN D 255 -29.07 -30.17 -6.21
C GLN D 255 -27.88 -30.18 -7.20
N GLU D 256 -27.93 -29.34 -8.24
CA GLU D 256 -26.89 -29.33 -9.30
C GLU D 256 -25.69 -28.46 -8.88
N LYS D 257 -25.66 -27.93 -7.64
CA LYS D 257 -24.55 -27.11 -7.08
C LYS D 257 -24.39 -25.80 -7.88
N ILE D 258 -25.45 -25.30 -8.49
CA ILE D 258 -25.37 -24.04 -9.29
C ILE D 258 -25.48 -22.85 -8.32
N ILE D 259 -26.29 -23.02 -7.27
CA ILE D 259 -26.43 -22.05 -6.14
C ILE D 259 -26.18 -22.86 -4.88
N PRO D 260 -25.60 -22.22 -3.83
CA PRO D 260 -25.38 -22.86 -2.54
C PRO D 260 -26.69 -23.31 -1.90
#